data_8K40
#
_entry.id   8K40
#
_cell.length_a   78.190
_cell.length_b   105.820
_cell.length_c   126.820
_cell.angle_alpha   90.000
_cell.angle_beta   90.000
_cell.angle_gamma   90.000
#
_symmetry.space_group_name_H-M   'P 21 21 21'
#
loop_
_entity.id
_entity.type
_entity.pdbx_description
1 polymer 'NAD(P)/FAD-dependent oxidoreductase'
2 non-polymer 'FLAVIN-ADENINE DINUCLEOTIDE'
3 water water
#
_entity_poly.entity_id   1
_entity_poly.type   'polypeptide(L)'
_entity_poly.pdbx_seq_one_letter_code
;AMADIGSEMKEYDVFIIGSGMAGMTIANKCASKGLTVGITDELPYGGTCALRGCDPKKVIIGATEVRDFAKRLKGSGIDT
IPKVNWKDIMAFKQSFVDEMPPKVEKGYKRNGIDTFHSSAKFLSQNTLEIGNEKIKAKKIVIASGSKPRVLEFEGGHFAK
TSADFLNLDELPKSLLFIGGGYIAFEFAHIAARCGAEVTIVHRGNNPLENFEQDIVKHLVSATKKLGVKLILNTDVTAIE
KADKKFRVKGKSAEKTEYFEAEAVFNSAGRPPAIFDLELEKAGISFTKKGVSVNEHLQNTSNPIVYAAGDAADSEGLPLT
PVAVLEGHTVASNIIKGNHKKISYPPMPTVVFTLPTMASVGYTESRARELNYNIQVNYKEVGDWFNAKRLNVAEYAFKTI
IDEETQTILGAHLIGPHTEETINLFAMAIKTKMKVNDIRTMIFSYPTLASDIPHML
;
_entity_poly.pdbx_strand_id   A,B
#
# COMPACT_ATOMS: atom_id res chain seq x y z
N MET A 9 -9.07 -28.32 44.10
CA MET A 9 -9.39 -27.76 42.75
C MET A 9 -8.09 -27.70 41.91
N LYS A 10 -8.18 -27.18 40.69
CA LYS A 10 -7.00 -26.82 39.84
C LYS A 10 -6.56 -25.38 40.15
N GLU A 11 -5.30 -25.20 40.54
CA GLU A 11 -4.60 -23.90 40.57
C GLU A 11 -3.93 -23.72 39.19
N TYR A 12 -3.88 -22.47 38.70
CA TYR A 12 -3.19 -22.04 37.45
C TYR A 12 -2.35 -20.78 37.72
N ASP A 13 -1.15 -20.73 37.13
CA ASP A 13 -0.27 -19.53 37.14
C ASP A 13 -1.04 -18.36 36.50
N VAL A 14 -1.43 -18.55 35.23
CA VAL A 14 -2.33 -17.63 34.48
C VAL A 14 -3.57 -18.39 34.07
N PHE A 15 -4.72 -17.77 34.34
CA PHE A 15 -6.02 -18.09 33.72
C PHE A 15 -6.47 -16.89 32.89
N ILE A 16 -6.84 -17.16 31.64
CA ILE A 16 -7.23 -16.14 30.63
C ILE A 16 -8.67 -16.41 30.18
N ILE A 17 -9.51 -15.38 30.27
CA ILE A 17 -10.88 -15.41 29.68
C ILE A 17 -10.78 -14.93 28.23
N GLY A 18 -11.00 -15.84 27.27
CA GLY A 18 -11.11 -15.52 25.84
C GLY A 18 -9.78 -15.68 25.12
N SER A 19 -9.74 -16.54 24.11
CA SER A 19 -8.56 -16.77 23.22
C SER A 19 -8.79 -15.98 21.93
N GLY A 20 -8.75 -14.65 22.06
CA GLY A 20 -8.67 -13.68 20.95
C GLY A 20 -7.24 -13.25 20.74
N MET A 21 -7.01 -12.12 20.08
CA MET A 21 -5.63 -11.66 19.78
C MET A 21 -4.92 -11.40 21.12
N ALA A 22 -5.62 -10.84 22.10
CA ALA A 22 -5.05 -10.41 23.39
C ALA A 22 -4.82 -11.66 24.25
N GLY A 23 -5.73 -12.63 24.11
CA GLY A 23 -5.72 -13.90 24.86
C GLY A 23 -4.62 -14.80 24.34
N MET A 24 -4.54 -14.95 23.01
CA MET A 24 -3.48 -15.75 22.34
C MET A 24 -2.11 -15.14 22.67
N THR A 25 -2.01 -13.81 22.70
CA THR A 25 -0.70 -13.13 22.82
C THR A 25 -0.13 -13.47 24.20
N ILE A 26 -0.98 -13.37 25.21
CA ILE A 26 -0.56 -13.56 26.63
C ILE A 26 -0.35 -15.06 26.89
N ALA A 27 -1.26 -15.92 26.43
CA ALA A 27 -1.22 -17.39 26.63
C ALA A 27 0.11 -17.94 26.11
N ASN A 28 0.39 -17.73 24.82
CA ASN A 28 1.65 -18.16 24.15
C ASN A 28 2.84 -17.58 24.91
N LYS A 29 2.77 -16.31 25.33
CA LYS A 29 3.95 -15.57 25.83
C LYS A 29 4.27 -16.12 27.21
N CYS A 30 3.26 -16.22 28.08
CA CYS A 30 3.36 -16.77 29.45
C CYS A 30 3.74 -18.27 29.44
N ALA A 31 3.13 -19.09 28.57
CA ALA A 31 3.38 -20.56 28.49
C ALA A 31 4.84 -20.87 28.11
N SER A 32 5.50 -20.00 27.33
CA SER A 32 6.89 -20.20 26.84
C SER A 32 7.91 -19.58 27.80
N LYS A 33 7.48 -18.93 28.89
CA LYS A 33 8.33 -18.57 30.07
C LYS A 33 8.05 -19.55 31.22
N GLY A 34 7.45 -20.71 30.88
CA GLY A 34 7.34 -21.90 31.76
C GLY A 34 6.05 -21.94 32.57
N LEU A 35 5.25 -20.88 32.62
CA LEU A 35 4.08 -20.81 33.55
C LEU A 35 3.00 -21.78 33.07
N THR A 36 2.19 -22.27 34.01
CA THR A 36 1.00 -23.11 33.77
C THR A 36 -0.13 -22.20 33.30
N VAL A 37 -0.76 -22.57 32.18
CA VAL A 37 -1.70 -21.69 31.42
C VAL A 37 -2.99 -22.45 31.17
N GLY A 38 -4.09 -21.89 31.69
CA GLY A 38 -5.49 -22.27 31.39
C GLY A 38 -6.22 -21.15 30.66
N ILE A 39 -6.78 -21.49 29.51
CA ILE A 39 -7.53 -20.53 28.66
C ILE A 39 -8.90 -21.13 28.38
N THR A 40 -9.93 -20.29 28.41
CA THR A 40 -11.32 -20.68 28.08
C THR A 40 -11.89 -19.71 27.04
N ASP A 41 -12.70 -20.24 26.16
CA ASP A 41 -13.51 -19.44 25.22
C ASP A 41 -14.85 -20.15 25.06
N GLU A 42 -15.94 -19.38 25.09
CA GLU A 42 -17.31 -19.88 24.83
C GLU A 42 -17.39 -20.26 23.34
N LEU A 43 -16.61 -19.61 22.47
CA LEU A 43 -16.63 -19.86 21.00
C LEU A 43 -15.32 -20.52 20.60
N PRO A 44 -15.20 -21.08 19.37
CA PRO A 44 -13.93 -21.66 18.93
C PRO A 44 -12.79 -20.65 19.07
N TYR A 45 -11.60 -21.15 19.37
CA TYR A 45 -10.37 -20.34 19.57
C TYR A 45 -10.05 -19.59 18.27
N GLY A 46 -9.69 -18.31 18.38
CA GLY A 46 -9.42 -17.48 17.19
C GLY A 46 -9.59 -16.00 17.46
N GLY A 47 -10.74 -15.60 18.01
CA GLY A 47 -11.03 -14.18 18.28
C GLY A 47 -11.90 -13.59 17.19
N THR A 48 -12.37 -12.34 17.40
CA THR A 48 -13.40 -11.70 16.54
C THR A 48 -12.77 -11.48 15.16
N CYS A 49 -11.55 -10.92 15.15
CA CYS A 49 -10.77 -10.61 13.93
C CYS A 49 -10.62 -11.83 13.00
N ALA A 50 -10.13 -12.95 13.53
CA ALA A 50 -9.70 -14.09 12.70
C ALA A 50 -10.92 -14.84 12.17
N LEU A 51 -11.98 -15.02 12.95
CA LEU A 51 -13.11 -15.92 12.58
C LEU A 51 -14.33 -15.14 12.07
N ARG A 52 -14.59 -13.94 12.60
CA ARG A 52 -15.88 -13.22 12.36
C ARG A 52 -15.66 -11.70 12.24
N GLY A 53 -14.47 -11.28 11.83
CA GLY A 53 -14.10 -9.84 11.78
C GLY A 53 -13.28 -9.47 10.56
N CYS A 54 -12.10 -8.91 10.81
CA CYS A 54 -11.18 -8.29 9.81
C CYS A 54 -10.84 -9.29 8.70
N ASP A 55 -10.33 -10.48 9.07
CA ASP A 55 -9.77 -11.44 8.09
C ASP A 55 -10.90 -11.83 7.14
N PRO A 56 -11.99 -12.47 7.59
CA PRO A 56 -13.03 -12.93 6.67
C PRO A 56 -13.59 -11.82 5.76
N LYS A 57 -13.82 -10.64 6.35
CA LYS A 57 -14.27 -9.41 5.64
C LYS A 57 -13.31 -9.09 4.49
N LYS A 58 -12.01 -8.96 4.79
CA LYS A 58 -10.98 -8.57 3.79
C LYS A 58 -10.95 -9.60 2.64
N VAL A 59 -11.10 -10.90 2.95
CA VAL A 59 -11.18 -11.97 1.91
C VAL A 59 -12.33 -11.63 0.97
N ILE A 60 -13.55 -11.55 1.49
CA ILE A 60 -14.76 -11.17 0.71
C ILE A 60 -14.51 -9.92 -0.13
N ILE A 61 -13.94 -8.86 0.47
CA ILE A 61 -13.69 -7.55 -0.22
C ILE A 61 -12.80 -7.77 -1.45
N GLY A 62 -11.83 -8.68 -1.37
CA GLY A 62 -11.07 -9.20 -2.52
C GLY A 62 -11.86 -9.20 -3.83
N ALA A 63 -12.96 -9.98 -3.91
CA ALA A 63 -13.70 -10.22 -5.18
C ALA A 63 -14.41 -8.95 -5.63
N THR A 64 -14.89 -8.13 -4.70
CA THR A 64 -15.53 -6.84 -5.03
C THR A 64 -14.47 -5.93 -5.67
N GLU A 65 -13.21 -5.99 -5.26
CA GLU A 65 -12.16 -5.05 -5.77
C GLU A 65 -12.00 -5.34 -7.26
N VAL A 66 -11.96 -6.62 -7.58
CA VAL A 66 -11.89 -7.09 -8.99
C VAL A 66 -13.05 -6.46 -9.74
N ARG A 67 -14.27 -6.63 -9.25
CA ARG A 67 -15.46 -6.08 -9.92
C ARG A 67 -15.28 -4.57 -10.05
N ASP A 68 -15.00 -3.87 -8.93
CA ASP A 68 -14.90 -2.38 -8.88
C ASP A 68 -13.86 -1.93 -9.93
N PHE A 69 -12.71 -2.60 -9.96
CA PHE A 69 -11.60 -2.26 -10.88
C PHE A 69 -12.04 -2.40 -12.35
N ALA A 70 -12.59 -3.56 -12.74
CA ALA A 70 -13.15 -3.80 -14.09
C ALA A 70 -14.17 -2.73 -14.42
N LYS A 71 -15.04 -2.38 -13.48
CA LYS A 71 -16.08 -1.33 -13.73
C LYS A 71 -15.37 -0.01 -14.04
N ARG A 72 -14.35 0.37 -13.28
CA ARG A 72 -13.68 1.69 -13.44
C ARG A 72 -13.02 1.80 -14.84
N LEU A 73 -12.48 0.72 -15.39
CA LEU A 73 -11.77 0.74 -16.71
C LEU A 73 -12.70 0.24 -17.83
N LYS A 74 -14.01 0.16 -17.58
CA LYS A 74 -14.97 -0.31 -18.62
C LYS A 74 -14.88 0.65 -19.79
N GLY A 75 -14.67 0.12 -21.00
CA GLY A 75 -14.54 0.90 -22.25
C GLY A 75 -13.26 1.71 -22.30
N SER A 76 -12.38 1.52 -21.33
CA SER A 76 -11.03 2.14 -21.27
C SER A 76 -9.97 1.02 -21.29
N GLY A 77 -10.37 -0.20 -21.71
CA GLY A 77 -9.44 -1.32 -21.88
C GLY A 77 -9.93 -2.61 -21.25
N ILE A 78 -11.11 -2.57 -20.61
CA ILE A 78 -11.85 -3.76 -20.08
C ILE A 78 -13.26 -3.72 -20.69
N ASP A 79 -13.77 -4.87 -21.16
CA ASP A 79 -15.05 -4.95 -21.91
C ASP A 79 -16.10 -5.65 -21.05
N THR A 80 -15.69 -6.66 -20.27
CA THR A 80 -16.60 -7.45 -19.40
C THR A 80 -16.26 -7.18 -17.92
N ILE A 81 -17.25 -6.65 -17.17
CA ILE A 81 -17.27 -6.50 -15.69
C ILE A 81 -17.71 -7.79 -15.02
N PRO A 82 -16.85 -8.51 -14.26
CA PRO A 82 -17.26 -9.76 -13.62
C PRO A 82 -18.33 -9.53 -12.55
N LYS A 83 -19.33 -10.42 -12.50
CA LYS A 83 -20.33 -10.52 -11.40
C LYS A 83 -19.69 -11.40 -10.33
N VAL A 84 -19.70 -10.95 -9.07
CA VAL A 84 -19.18 -11.71 -7.89
C VAL A 84 -20.08 -12.95 -7.73
N ASN A 85 -19.47 -14.11 -7.56
CA ASN A 85 -20.16 -15.40 -7.31
C ASN A 85 -20.18 -15.56 -5.80
N TRP A 86 -21.29 -15.18 -5.16
CA TRP A 86 -21.41 -15.06 -3.68
C TRP A 86 -21.07 -16.41 -3.03
N LYS A 87 -21.53 -17.50 -3.66
CA LYS A 87 -21.39 -18.88 -3.14
C LYS A 87 -19.88 -19.18 -2.97
N ASP A 88 -19.11 -19.00 -4.04
CA ASP A 88 -17.70 -19.47 -4.12
C ASP A 88 -16.84 -18.64 -3.17
N ILE A 89 -17.15 -17.35 -3.00
CA ILE A 89 -16.31 -16.46 -2.13
C ILE A 89 -16.59 -16.78 -0.67
N MET A 90 -17.84 -17.10 -0.31
CA MET A 90 -18.13 -17.55 1.09
C MET A 90 -17.29 -18.79 1.39
N ALA A 91 -17.24 -19.77 0.49
CA ALA A 91 -16.47 -21.02 0.71
C ALA A 91 -15.00 -20.66 0.90
N PHE A 92 -14.48 -19.77 0.04
CA PHE A 92 -13.07 -19.33 0.05
C PHE A 92 -12.81 -18.67 1.42
N LYS A 93 -13.69 -17.75 1.79
CA LYS A 93 -13.70 -17.16 3.16
C LYS A 93 -13.66 -18.29 4.20
N GLN A 94 -14.54 -19.28 4.06
CA GLN A 94 -14.74 -20.34 5.08
C GLN A 94 -13.44 -21.12 5.30
N SER A 95 -12.72 -21.48 4.23
CA SER A 95 -11.43 -22.22 4.31
C SER A 95 -10.46 -21.47 5.22
N PHE A 96 -10.47 -20.13 5.24
CA PHE A 96 -9.64 -19.32 6.16
C PHE A 96 -10.15 -19.47 7.60
N VAL A 97 -11.47 -19.33 7.82
CA VAL A 97 -12.12 -19.39 9.16
C VAL A 97 -11.92 -20.77 9.79
N ASP A 98 -12.19 -21.84 9.03
CA ASP A 98 -12.17 -23.27 9.47
C ASP A 98 -10.76 -23.69 9.91
N GLU A 99 -9.71 -23.17 9.27
CA GLU A 99 -8.29 -23.55 9.51
C GLU A 99 -7.73 -22.92 10.79
N MET A 100 -8.29 -21.82 11.29
CA MET A 100 -7.61 -21.00 12.34
C MET A 100 -7.77 -21.69 13.70
N PRO A 101 -8.98 -22.12 14.13
CA PRO A 101 -9.12 -22.80 15.43
C PRO A 101 -8.24 -24.04 15.63
N PRO A 102 -8.22 -25.06 14.72
CA PRO A 102 -7.25 -26.14 14.82
C PRO A 102 -5.79 -25.65 14.85
N LYS A 103 -5.47 -24.55 14.16
CA LYS A 103 -4.11 -23.98 14.13
C LYS A 103 -3.78 -23.39 15.51
N VAL A 104 -4.76 -22.86 16.24
CA VAL A 104 -4.51 -22.24 17.58
C VAL A 104 -4.51 -23.37 18.60
N GLU A 105 -5.31 -24.41 18.36
CA GLU A 105 -5.36 -25.65 19.19
C GLU A 105 -4.01 -26.39 19.08
N LYS A 106 -3.48 -26.56 17.86
CA LYS A 106 -2.19 -27.25 17.57
C LYS A 106 -1.07 -26.58 18.39
N GLY A 107 -1.07 -25.25 18.47
CA GLY A 107 -0.08 -24.44 19.18
C GLY A 107 -0.26 -24.54 20.68
N TYR A 108 -1.50 -24.53 21.15
CA TYR A 108 -1.83 -24.61 22.60
C TYR A 108 -1.32 -25.96 23.16
N LYS A 109 -1.44 -27.03 22.37
CA LYS A 109 -0.99 -28.40 22.75
C LYS A 109 0.55 -28.41 22.84
N ARG A 110 1.23 -27.77 21.87
CA ARG A 110 2.72 -27.70 21.80
C ARG A 110 3.28 -26.67 22.80
N ASN A 111 2.50 -26.18 23.76
CA ASN A 111 2.98 -25.11 24.68
C ASN A 111 2.58 -25.39 26.13
N GLY A 112 1.97 -26.56 26.40
CA GLY A 112 1.46 -26.90 27.73
C GLY A 112 0.40 -25.91 28.20
N ILE A 113 -0.59 -25.68 27.34
CA ILE A 113 -1.74 -24.79 27.66
C ILE A 113 -2.99 -25.66 27.73
N ASP A 114 -3.70 -25.61 28.86
CA ASP A 114 -4.97 -26.35 29.06
C ASP A 114 -6.10 -25.57 28.39
N THR A 115 -6.69 -26.18 27.36
CA THR A 115 -7.84 -25.67 26.58
C THR A 115 -9.16 -25.99 27.30
N PHE A 116 -9.99 -24.97 27.55
CA PHE A 116 -11.36 -25.09 28.11
C PHE A 116 -12.33 -24.42 27.12
N HIS A 117 -13.49 -25.04 26.89
CA HIS A 117 -14.41 -24.65 25.80
C HIS A 117 -15.74 -24.14 26.39
N SER A 118 -15.72 -23.56 27.59
CA SER A 118 -16.94 -23.11 28.30
C SER A 118 -16.85 -21.61 28.58
N SER A 119 -17.99 -20.94 28.73
CA SER A 119 -18.10 -19.53 29.18
C SER A 119 -17.57 -19.47 30.61
N ALA A 120 -17.41 -18.26 31.14
CA ALA A 120 -16.68 -18.05 32.41
C ALA A 120 -17.28 -16.86 33.17
N LYS A 121 -17.68 -17.10 34.41
CA LYS A 121 -18.00 -16.04 35.39
C LYS A 121 -17.08 -16.20 36.60
N PHE A 122 -16.88 -15.12 37.34
CA PHE A 122 -16.22 -15.10 38.67
C PHE A 122 -17.17 -15.70 39.72
N LEU A 123 -16.66 -16.61 40.54
CA LEU A 123 -17.33 -17.05 41.80
C LEU A 123 -16.73 -16.24 42.96
N SER A 124 -15.43 -15.93 42.91
CA SER A 124 -14.73 -15.13 43.97
C SER A 124 -13.59 -14.35 43.35
N GLN A 125 -12.76 -13.72 44.20
CA GLN A 125 -11.58 -12.91 43.82
C GLN A 125 -10.66 -13.71 42.89
N ASN A 126 -10.47 -15.01 43.10
CA ASN A 126 -9.45 -15.79 42.37
C ASN A 126 -10.04 -17.12 41.88
N THR A 127 -11.36 -17.22 41.67
CA THR A 127 -12.05 -18.45 41.19
C THR A 127 -13.07 -18.12 40.09
N LEU A 128 -13.35 -19.09 39.23
CA LEU A 128 -14.16 -18.98 37.99
C LEU A 128 -15.02 -20.24 37.83
N GLU A 129 -16.26 -20.09 37.39
CA GLU A 129 -17.15 -21.24 37.04
C GLU A 129 -16.87 -21.57 35.56
N ILE A 130 -16.08 -22.60 35.29
CA ILE A 130 -15.79 -23.09 33.90
C ILE A 130 -16.59 -24.37 33.69
N GLY A 131 -17.69 -24.28 32.93
CA GLY A 131 -18.70 -25.35 32.79
C GLY A 131 -19.25 -25.74 34.16
N ASN A 132 -18.71 -26.80 34.76
CA ASN A 132 -19.02 -27.24 36.15
C ASN A 132 -17.94 -26.70 37.09
N GLU A 133 -16.68 -26.75 36.63
CA GLU A 133 -15.42 -26.76 37.45
C GLU A 133 -15.26 -25.44 38.18
N LYS A 134 -14.18 -25.28 38.95
CA LYS A 134 -14.03 -24.18 39.94
C LYS A 134 -12.55 -23.79 40.03
N ILE A 135 -12.01 -23.35 38.88
CA ILE A 135 -10.56 -23.05 38.64
C ILE A 135 -10.16 -21.77 39.39
N LYS A 136 -9.28 -21.93 40.37
CA LYS A 136 -8.52 -20.85 41.05
C LYS A 136 -7.35 -20.49 40.13
N ALA A 137 -6.75 -19.33 40.35
CA ALA A 137 -5.56 -18.88 39.56
C ALA A 137 -4.85 -17.74 40.29
N LYS A 138 -3.54 -17.62 40.01
CA LYS A 138 -2.60 -16.66 40.66
C LYS A 138 -2.80 -15.27 40.05
N LYS A 139 -2.82 -15.20 38.72
CA LYS A 139 -3.19 -14.01 37.92
C LYS A 139 -4.28 -14.39 36.89
N ILE A 140 -5.36 -13.60 36.84
CA ILE A 140 -6.52 -13.83 35.94
C ILE A 140 -6.61 -12.65 34.95
N VAL A 141 -6.78 -12.98 33.67
CA VAL A 141 -6.79 -11.98 32.56
C VAL A 141 -8.19 -11.97 31.92
N ILE A 142 -8.77 -10.77 31.82
CA ILE A 142 -10.02 -10.54 31.03
C ILE A 142 -9.61 -10.05 29.63
N ALA A 143 -9.80 -10.91 28.63
CA ALA A 143 -9.60 -10.59 27.20
C ALA A 143 -10.84 -11.06 26.41
N SER A 144 -12.03 -10.65 26.84
CA SER A 144 -13.33 -11.08 26.27
C SER A 144 -13.70 -10.24 25.03
N GLY A 145 -12.94 -9.17 24.77
CA GLY A 145 -13.22 -8.20 23.69
C GLY A 145 -14.59 -7.56 23.87
N SER A 146 -15.37 -7.44 22.80
CA SER A 146 -16.64 -6.68 22.77
C SER A 146 -17.70 -7.56 22.10
N LYS A 147 -18.99 -7.28 22.32
CA LYS A 147 -20.11 -8.07 21.75
C LYS A 147 -21.06 -7.12 21.04
N PRO A 148 -21.89 -7.59 20.09
CA PRO A 148 -22.95 -6.77 19.51
C PRO A 148 -23.83 -6.10 20.58
N ARG A 149 -24.24 -4.85 20.33
CA ARG A 149 -25.10 -4.08 21.28
C ARG A 149 -26.48 -4.71 21.17
N VAL A 150 -27.12 -5.01 22.30
CA VAL A 150 -28.50 -5.59 22.31
C VAL A 150 -29.48 -4.44 22.01
N LEU A 151 -30.17 -4.51 20.88
CA LEU A 151 -31.07 -3.40 20.46
C LEU A 151 -32.31 -3.46 21.36
N GLU A 152 -32.56 -2.37 22.10
CA GLU A 152 -33.60 -2.30 23.16
C GLU A 152 -34.86 -1.68 22.57
N PHE A 153 -35.42 -2.25 21.51
CA PHE A 153 -36.66 -1.76 20.85
C PHE A 153 -37.41 -2.94 20.25
N GLU A 154 -38.73 -2.81 20.05
CA GLU A 154 -39.63 -3.91 19.65
C GLU A 154 -39.11 -4.51 18.33
N GLY A 155 -38.61 -5.75 18.36
CA GLY A 155 -38.15 -6.48 17.18
C GLY A 155 -36.62 -6.57 17.12
N GLY A 156 -35.94 -5.95 18.10
CA GLY A 156 -34.46 -5.86 18.24
C GLY A 156 -33.78 -7.17 17.95
N HIS A 157 -34.37 -8.27 18.40
CA HIS A 157 -33.87 -9.66 18.17
C HIS A 157 -33.88 -10.05 16.67
N PHE A 158 -34.56 -9.32 15.78
CA PHE A 158 -34.62 -9.72 14.34
C PHE A 158 -33.35 -9.26 13.60
N ALA A 159 -32.61 -8.33 14.19
CA ALA A 159 -31.39 -7.69 13.63
C ALA A 159 -30.22 -8.67 13.73
N LYS A 160 -29.75 -9.16 12.59
CA LYS A 160 -28.67 -10.16 12.51
C LYS A 160 -27.35 -9.46 12.89
N THR A 161 -26.37 -10.23 13.32
CA THR A 161 -25.07 -9.67 13.75
C THR A 161 -24.16 -9.54 12.54
N SER A 162 -23.02 -8.89 12.76
CA SER A 162 -21.86 -8.85 11.82
C SER A 162 -21.40 -10.26 11.46
N ALA A 163 -21.33 -11.15 12.45
CA ALA A 163 -20.92 -12.56 12.27
C ALA A 163 -21.86 -13.24 11.26
N ASP A 164 -23.17 -12.95 11.33
CA ASP A 164 -24.20 -13.58 10.45
C ASP A 164 -24.00 -13.10 9.01
N PHE A 165 -23.62 -11.83 8.82
CA PHE A 165 -23.35 -11.22 7.50
C PHE A 165 -22.24 -12.03 6.82
N LEU A 166 -21.18 -12.33 7.57
CA LEU A 166 -19.98 -13.05 7.07
C LEU A 166 -20.25 -14.55 6.91
N ASN A 167 -21.43 -15.04 7.32
CA ASN A 167 -21.77 -16.48 7.24
C ASN A 167 -22.96 -16.70 6.30
N LEU A 168 -23.41 -15.66 5.58
CA LEU A 168 -24.62 -15.74 4.71
C LEU A 168 -24.46 -16.86 3.68
N ASP A 169 -25.36 -17.85 3.68
CA ASP A 169 -25.40 -18.92 2.63
C ASP A 169 -25.70 -18.29 1.28
N GLU A 170 -26.64 -17.34 1.26
CA GLU A 170 -27.04 -16.60 0.03
C GLU A 170 -27.04 -15.11 0.37
N LEU A 171 -26.73 -14.28 -0.60
CA LEU A 171 -26.90 -12.83 -0.41
C LEU A 171 -28.38 -12.49 -0.53
N PRO A 172 -29.01 -11.87 0.49
CA PRO A 172 -30.41 -11.46 0.37
C PRO A 172 -30.51 -10.43 -0.78
N LYS A 173 -31.73 -10.12 -1.20
CA LYS A 173 -32.01 -9.23 -2.36
C LYS A 173 -31.90 -7.78 -1.90
N SER A 174 -32.25 -7.53 -0.64
CA SER A 174 -32.12 -6.21 0.01
C SER A 174 -31.61 -6.41 1.44
N LEU A 175 -30.83 -5.45 1.89
CA LEU A 175 -30.22 -5.48 3.24
C LEU A 175 -30.40 -4.07 3.80
N LEU A 176 -30.82 -3.95 5.05
CA LEU A 176 -30.71 -2.68 5.81
C LEU A 176 -29.67 -2.93 6.91
N PHE A 177 -28.80 -1.95 7.12
CA PHE A 177 -27.80 -1.90 8.21
C PHE A 177 -28.21 -0.76 9.16
N ILE A 178 -28.46 -1.10 10.42
CA ILE A 178 -28.77 -0.10 11.48
C ILE A 178 -27.43 0.29 12.09
N GLY A 179 -26.88 1.44 11.69
CA GLY A 179 -25.59 1.94 12.19
C GLY A 179 -25.05 3.02 11.29
N GLY A 180 -23.92 3.65 11.66
CA GLY A 180 -23.31 4.74 10.87
C GLY A 180 -21.80 4.77 10.94
N GLY A 181 -21.16 3.75 11.52
CA GLY A 181 -19.71 3.60 11.59
C GLY A 181 -19.16 2.74 10.44
N TYR A 182 -17.98 2.15 10.68
CA TYR A 182 -17.16 1.44 9.67
C TYR A 182 -17.85 0.16 9.20
N ILE A 183 -18.51 -0.54 10.12
CA ILE A 183 -19.11 -1.88 9.80
C ILE A 183 -20.26 -1.64 8.81
N ALA A 184 -21.17 -0.72 9.13
CA ALA A 184 -22.34 -0.40 8.28
C ALA A 184 -21.87 -0.08 6.86
N PHE A 185 -20.83 0.74 6.71
CA PHE A 185 -20.33 1.18 5.36
C PHE A 185 -19.59 0.02 4.67
N GLU A 186 -18.68 -0.70 5.34
CA GLU A 186 -17.93 -1.84 4.70
C GLU A 186 -18.96 -2.86 4.21
N PHE A 187 -19.93 -3.22 5.04
CA PHE A 187 -20.91 -4.29 4.70
C PHE A 187 -21.90 -3.77 3.65
N ALA A 188 -22.28 -2.49 3.66
CA ALA A 188 -23.13 -1.86 2.61
C ALA A 188 -22.41 -1.97 1.27
N HIS A 189 -21.12 -1.60 1.26
CA HIS A 189 -20.28 -1.59 0.04
C HIS A 189 -20.19 -3.00 -0.54
N ILE A 190 -19.99 -4.02 0.32
CA ILE A 190 -19.89 -5.44 -0.13
C ILE A 190 -21.23 -5.84 -0.76
N ALA A 191 -22.33 -5.65 -0.02
CA ALA A 191 -23.69 -6.09 -0.41
C ALA A 191 -24.04 -5.54 -1.79
N ALA A 192 -23.87 -4.23 -1.97
CA ALA A 192 -24.25 -3.47 -3.19
C ALA A 192 -23.44 -3.98 -4.38
N ARG A 193 -22.13 -4.11 -4.21
CA ARG A 193 -21.22 -4.57 -5.28
C ARG A 193 -21.61 -5.99 -5.69
N CYS A 194 -22.15 -6.80 -4.77
CA CYS A 194 -22.54 -8.20 -5.07
C CYS A 194 -23.99 -8.24 -5.59
N GLY A 195 -24.59 -7.06 -5.82
CA GLY A 195 -25.84 -6.88 -6.57
C GLY A 195 -27.07 -6.97 -5.70
N ALA A 196 -27.12 -6.24 -4.57
CA ALA A 196 -28.33 -6.12 -3.73
C ALA A 196 -28.69 -4.65 -3.52
N GLU A 197 -29.97 -4.39 -3.24
CA GLU A 197 -30.45 -3.07 -2.72
C GLU A 197 -29.96 -2.97 -1.28
N VAL A 198 -29.39 -1.83 -0.91
CA VAL A 198 -28.87 -1.63 0.47
C VAL A 198 -29.38 -0.28 0.95
N THR A 199 -29.76 -0.23 2.21
CA THR A 199 -30.04 1.03 2.96
C THR A 199 -29.15 1.05 4.20
N ILE A 200 -28.76 2.24 4.65
CA ILE A 200 -28.07 2.46 5.95
C ILE A 200 -28.94 3.45 6.74
N VAL A 201 -29.37 3.06 7.94
CA VAL A 201 -30.19 3.92 8.84
C VAL A 201 -29.35 4.24 10.06
N HIS A 202 -29.01 5.51 10.23
CA HIS A 202 -28.09 6.04 11.26
C HIS A 202 -28.82 7.12 12.07
N ARG A 203 -28.63 7.17 13.38
CA ARG A 203 -29.42 8.05 14.29
C ARG A 203 -28.83 9.45 14.27
N GLY A 204 -27.56 9.56 13.86
CA GLY A 204 -26.82 10.83 13.98
C GLY A 204 -26.99 11.75 12.79
N ASN A 205 -26.47 12.97 12.93
CA ASN A 205 -26.46 13.97 11.84
C ASN A 205 -25.38 13.56 10.82
N ASN A 206 -24.21 13.16 11.30
CA ASN A 206 -23.05 12.83 10.42
C ASN A 206 -22.73 11.35 10.51
N PRO A 207 -22.52 10.68 9.35
CA PRO A 207 -22.04 9.30 9.35
C PRO A 207 -20.56 9.35 9.76
N LEU A 208 -20.04 8.30 10.37
CA LEU A 208 -18.62 8.20 10.77
C LEU A 208 -18.20 9.49 11.51
N GLU A 209 -18.96 9.87 12.55
CA GLU A 209 -18.78 11.08 13.38
C GLU A 209 -17.31 11.32 13.75
N ASN A 210 -16.57 10.24 13.98
CA ASN A 210 -15.19 10.27 14.53
C ASN A 210 -14.23 10.80 13.46
N PHE A 211 -14.53 10.56 12.18
CA PHE A 211 -13.59 10.85 11.06
C PHE A 211 -13.82 12.29 10.59
N GLU A 212 -12.75 12.92 10.12
CA GLU A 212 -12.76 14.27 9.50
C GLU A 212 -13.86 14.32 8.41
N GLN A 213 -14.86 15.21 8.54
CA GLN A 213 -16.10 15.17 7.70
C GLN A 213 -15.80 15.66 6.27
N ASP A 214 -14.79 16.51 6.13
CA ASP A 214 -14.22 16.92 4.82
C ASP A 214 -13.66 15.72 4.07
N ILE A 215 -13.39 14.59 4.74
CA ILE A 215 -13.01 13.35 4.03
C ILE A 215 -14.25 12.46 3.88
N VAL A 216 -15.03 12.32 4.95
CA VAL A 216 -16.24 11.44 4.98
C VAL A 216 -17.20 11.81 3.83
N LYS A 217 -17.40 13.10 3.56
CA LYS A 217 -18.37 13.53 2.52
C LYS A 217 -18.05 12.87 1.18
N HIS A 218 -16.79 12.64 0.84
CA HIS A 218 -16.39 12.05 -0.47
C HIS A 218 -16.83 10.58 -0.50
N LEU A 219 -16.74 9.92 0.65
CA LEU A 219 -17.16 8.50 0.82
C LEU A 219 -18.68 8.41 0.74
N VAL A 220 -19.39 9.37 1.31
CA VAL A 220 -20.88 9.43 1.21
C VAL A 220 -21.26 9.51 -0.27
N SER A 221 -20.64 10.44 -0.98
CA SER A 221 -20.78 10.64 -2.44
C SER A 221 -20.61 9.30 -3.17
N ALA A 222 -19.48 8.64 -3.00
CA ALA A 222 -19.16 7.37 -3.70
C ALA A 222 -20.23 6.36 -3.34
N THR A 223 -20.69 6.41 -2.09
CA THR A 223 -21.60 5.41 -1.52
C THR A 223 -22.98 5.59 -2.16
N LYS A 224 -23.37 6.83 -2.43
CA LYS A 224 -24.65 7.12 -3.13
C LYS A 224 -24.53 6.63 -4.57
N LYS A 225 -23.40 6.93 -5.23
CA LYS A 225 -23.23 6.55 -6.65
C LYS A 225 -23.34 5.02 -6.76
N LEU A 226 -23.06 4.30 -5.68
CA LEU A 226 -23.06 2.82 -5.68
C LEU A 226 -24.51 2.26 -5.59
N GLY A 227 -25.51 3.11 -5.27
CA GLY A 227 -26.92 2.72 -5.16
C GLY A 227 -27.30 2.37 -3.73
N VAL A 228 -26.67 3.04 -2.77
CA VAL A 228 -26.86 2.78 -1.32
C VAL A 228 -27.53 4.03 -0.76
N LYS A 229 -28.72 3.83 -0.21
CA LYS A 229 -29.58 4.89 0.35
C LYS A 229 -29.10 5.10 1.78
N LEU A 230 -28.58 6.29 2.05
CA LEU A 230 -28.14 6.68 3.40
C LEU A 230 -29.28 7.45 4.05
N ILE A 231 -29.89 6.88 5.08
CA ILE A 231 -30.90 7.58 5.95
C ILE A 231 -30.23 8.08 7.23
N LEU A 232 -30.21 9.40 7.43
CA LEU A 232 -29.63 10.06 8.63
C LEU A 232 -30.72 10.61 9.56
N ASN A 233 -30.34 10.97 10.80
CA ASN A 233 -31.22 11.55 11.85
C ASN A 233 -32.49 10.69 11.99
N THR A 234 -32.37 9.37 12.06
CA THR A 234 -33.51 8.44 12.20
C THR A 234 -33.24 7.41 13.29
N ASP A 235 -34.08 7.32 14.33
CA ASP A 235 -34.04 6.23 15.34
C ASP A 235 -34.96 5.11 14.86
N VAL A 236 -34.40 3.91 14.70
CA VAL A 236 -35.20 2.68 14.48
C VAL A 236 -35.88 2.39 15.79
N THR A 237 -37.21 2.26 15.75
CA THR A 237 -38.11 2.05 16.92
C THR A 237 -38.81 0.70 16.82
N ALA A 238 -38.72 0.01 15.67
CA ALA A 238 -39.29 -1.35 15.55
C ALA A 238 -38.79 -2.11 14.31
N ILE A 239 -38.88 -3.43 14.38
CA ILE A 239 -38.72 -4.38 13.26
C ILE A 239 -39.84 -5.40 13.38
N GLU A 240 -40.63 -5.57 12.31
CA GLU A 240 -41.77 -6.50 12.21
C GLU A 240 -41.43 -7.53 11.12
N LYS A 241 -41.92 -8.77 11.25
CA LYS A 241 -41.74 -9.83 10.24
C LYS A 241 -42.95 -9.86 9.30
N ALA A 242 -42.85 -9.24 8.12
CA ALA A 242 -43.89 -9.25 7.06
C ALA A 242 -43.56 -10.37 6.07
N ASP A 243 -44.19 -11.55 6.20
CA ASP A 243 -43.89 -12.78 5.43
C ASP A 243 -42.43 -13.12 5.71
N LYS A 244 -41.61 -13.38 4.68
CA LYS A 244 -40.17 -13.68 4.87
C LYS A 244 -39.31 -12.42 4.67
N LYS A 245 -39.90 -11.23 4.82
CA LYS A 245 -39.20 -9.92 4.81
C LYS A 245 -39.30 -9.27 6.19
N PHE A 246 -38.84 -8.03 6.31
CA PHE A 246 -38.85 -7.24 7.58
C PHE A 246 -39.25 -5.81 7.23
N ARG A 247 -40.13 -5.23 8.03
CA ARG A 247 -40.60 -3.82 7.91
C ARG A 247 -40.00 -3.05 9.10
N VAL A 248 -39.07 -2.14 8.82
CA VAL A 248 -38.29 -1.39 9.84
C VAL A 248 -38.97 -0.03 9.98
N LYS A 249 -39.32 0.33 11.21
CA LYS A 249 -39.88 1.66 11.54
C LYS A 249 -38.72 2.56 11.92
N GLY A 250 -38.71 3.79 11.41
CA GLY A 250 -37.75 4.84 11.77
C GLY A 250 -38.45 6.17 11.97
N LYS A 251 -38.15 6.84 13.09
CA LYS A 251 -38.71 8.17 13.45
C LYS A 251 -37.59 9.19 13.33
N SER A 252 -37.79 10.26 12.55
CA SER A 252 -36.93 11.47 12.45
C SER A 252 -37.63 12.62 13.21
N ALA A 253 -37.16 13.85 13.00
CA ALA A 253 -37.54 15.06 13.80
C ALA A 253 -39.07 15.19 13.93
N GLU A 254 -39.83 14.78 12.91
CA GLU A 254 -41.32 14.85 12.90
C GLU A 254 -41.89 13.53 12.38
N LYS A 255 -41.51 13.20 11.14
CA LYS A 255 -42.22 12.21 10.32
C LYS A 255 -41.72 10.81 10.67
N THR A 256 -42.41 9.81 10.12
CA THR A 256 -42.21 8.37 10.38
C THR A 256 -42.05 7.71 9.02
N GLU A 257 -41.06 6.84 8.87
CA GLU A 257 -40.81 6.14 7.58
C GLU A 257 -40.71 4.65 7.91
N TYR A 258 -41.19 3.81 6.99
CA TYR A 258 -41.09 2.34 7.06
C TYR A 258 -40.14 1.89 5.94
N PHE A 259 -39.37 0.82 6.14
CA PHE A 259 -38.39 0.31 5.15
C PHE A 259 -38.45 -1.22 5.10
N GLU A 260 -38.54 -1.78 3.89
CA GLU A 260 -38.65 -3.24 3.66
C GLU A 260 -37.32 -3.79 3.17
N ALA A 261 -36.89 -4.90 3.73
CA ALA A 261 -35.66 -5.59 3.32
C ALA A 261 -35.75 -7.04 3.78
N GLU A 262 -35.16 -7.96 3.00
CA GLU A 262 -35.12 -9.42 3.24
C GLU A 262 -34.22 -9.73 4.44
N ALA A 263 -33.34 -8.81 4.84
CA ALA A 263 -32.50 -8.96 6.05
C ALA A 263 -32.15 -7.60 6.66
N VAL A 264 -32.22 -7.50 7.99
CA VAL A 264 -31.84 -6.29 8.76
C VAL A 264 -30.67 -6.71 9.65
N PHE A 265 -29.67 -5.83 9.78
CA PHE A 265 -28.38 -6.08 10.49
C PHE A 265 -28.12 -5.04 11.58
N ASN A 266 -27.63 -5.54 12.72
CA ASN A 266 -27.17 -4.74 13.88
C ASN A 266 -25.74 -4.27 13.57
N SER A 267 -25.58 -3.00 13.22
CA SER A 267 -24.27 -2.38 12.89
C SER A 267 -24.00 -1.27 13.90
N ALA A 268 -24.46 -1.44 15.16
CA ALA A 268 -24.32 -0.40 16.21
C ALA A 268 -22.93 -0.50 16.82
N GLY A 269 -22.61 0.33 17.80
CA GLY A 269 -21.34 0.19 18.54
C GLY A 269 -21.26 -1.19 19.17
N ARG A 270 -20.07 -1.63 19.59
CA ARG A 270 -19.94 -2.93 20.30
C ARG A 270 -19.55 -2.63 21.75
N PRO A 271 -20.46 -2.79 22.74
CA PRO A 271 -20.06 -2.70 24.14
C PRO A 271 -19.03 -3.77 24.55
N PRO A 272 -18.21 -3.47 25.59
CA PRO A 272 -17.23 -4.44 26.10
C PRO A 272 -17.97 -5.67 26.60
N ALA A 273 -17.43 -6.87 26.34
CA ALA A 273 -18.07 -8.17 26.62
C ALA A 273 -17.75 -8.61 28.07
N ILE A 274 -18.12 -7.77 29.04
CA ILE A 274 -17.68 -7.87 30.48
C ILE A 274 -18.87 -7.91 31.45
N PHE A 275 -20.11 -7.77 30.97
CA PHE A 275 -21.32 -7.51 31.82
C PHE A 275 -21.93 -8.82 32.35
N ASP A 276 -21.45 -9.97 31.86
CA ASP A 276 -21.98 -11.31 32.21
C ASP A 276 -20.90 -12.13 32.95
N LEU A 277 -19.85 -11.48 33.46
CA LEU A 277 -18.67 -12.15 34.08
C LEU A 277 -18.85 -12.23 35.60
N GLU A 278 -19.90 -11.61 36.13
CA GLU A 278 -20.12 -11.41 37.59
C GLU A 278 -18.88 -10.70 38.17
N LEU A 279 -18.45 -9.62 37.52
CA LEU A 279 -17.25 -8.83 37.93
C LEU A 279 -17.37 -8.46 39.41
N GLU A 280 -18.56 -8.01 39.83
CA GLU A 280 -18.84 -7.40 41.17
C GLU A 280 -18.50 -8.42 42.27
N LYS A 281 -18.73 -9.71 42.00
CA LYS A 281 -18.48 -10.86 42.93
C LYS A 281 -16.98 -11.15 43.04
N ALA A 282 -16.12 -10.22 42.60
CA ALA A 282 -14.65 -10.36 42.60
C ALA A 282 -13.96 -9.00 42.84
N GLY A 283 -14.71 -7.96 43.21
CA GLY A 283 -14.18 -6.63 43.58
C GLY A 283 -13.47 -5.94 42.42
N ILE A 284 -13.78 -6.31 41.16
CA ILE A 284 -13.13 -5.80 39.92
C ILE A 284 -13.86 -4.55 39.40
N SER A 285 -13.19 -3.38 39.40
CA SER A 285 -13.70 -2.07 38.91
C SER A 285 -13.99 -2.12 37.41
N PHE A 286 -15.11 -1.53 36.97
CA PHE A 286 -15.49 -1.40 35.53
C PHE A 286 -16.40 -0.20 35.31
N THR A 287 -16.53 0.22 34.04
CA THR A 287 -17.40 1.32 33.55
C THR A 287 -18.19 0.81 32.34
N LYS A 288 -18.96 1.67 31.67
CA LYS A 288 -19.73 1.27 30.47
C LYS A 288 -18.76 1.07 29.30
N LYS A 289 -17.52 1.56 29.45
CA LYS A 289 -16.46 1.51 28.43
C LYS A 289 -15.60 0.25 28.62
N GLY A 290 -15.76 -0.49 29.72
CA GLY A 290 -15.06 -1.79 29.94
C GLY A 290 -14.38 -1.89 31.29
N VAL A 291 -13.50 -2.87 31.46
CA VAL A 291 -12.75 -3.11 32.74
C VAL A 291 -11.83 -1.93 33.01
N SER A 292 -11.92 -1.33 34.19
CA SER A 292 -11.09 -0.17 34.62
C SER A 292 -9.66 -0.66 34.82
N VAL A 293 -8.70 -0.04 34.14
CA VAL A 293 -7.26 -0.43 34.20
C VAL A 293 -6.42 0.80 34.56
N ASN A 294 -5.25 0.56 35.17
CA ASN A 294 -4.20 1.57 35.46
C ASN A 294 -3.17 1.55 34.32
N GLU A 295 -2.01 2.16 34.53
CA GLU A 295 -0.99 2.32 33.47
C GLU A 295 -0.35 0.96 33.16
N HIS A 296 -0.56 -0.08 33.98
CA HIS A 296 0.01 -1.44 33.79
C HIS A 296 -1.03 -2.38 33.18
N LEU A 297 -2.19 -1.85 32.80
CA LEU A 297 -3.38 -2.63 32.39
C LEU A 297 -3.73 -3.65 33.49
N GLN A 298 -3.40 -3.31 34.74
CA GLN A 298 -3.86 -4.03 35.96
C GLN A 298 -5.14 -3.33 36.44
N ASN A 299 -6.13 -4.10 36.91
CA ASN A 299 -7.44 -3.56 37.39
C ASN A 299 -7.13 -2.54 38.49
N THR A 300 -7.93 -1.48 38.64
CA THR A 300 -7.68 -0.39 39.63
C THR A 300 -7.98 -0.86 41.05
N SER A 301 -8.69 -1.98 41.22
CA SER A 301 -9.06 -2.59 42.53
C SER A 301 -8.30 -3.92 42.69
N ASN A 302 -8.95 -5.06 42.40
CA ASN A 302 -8.37 -6.43 42.47
C ASN A 302 -7.08 -6.50 41.64
N PRO A 303 -5.90 -6.61 42.29
CA PRO A 303 -4.62 -6.59 41.57
C PRO A 303 -4.15 -7.91 40.95
N ILE A 304 -4.96 -8.97 41.05
CA ILE A 304 -4.66 -10.31 40.44
C ILE A 304 -5.22 -10.32 39.01
N VAL A 305 -5.96 -9.26 38.65
CA VAL A 305 -6.79 -9.21 37.42
C VAL A 305 -6.20 -8.17 36.46
N TYR A 306 -5.86 -8.63 35.26
CA TYR A 306 -5.45 -7.78 34.10
C TYR A 306 -6.50 -7.90 32.98
N ALA A 307 -6.55 -6.89 32.10
CA ALA A 307 -7.44 -6.85 30.91
C ALA A 307 -6.70 -6.19 29.73
N ALA A 308 -7.01 -6.64 28.51
CA ALA A 308 -6.40 -6.15 27.25
C ALA A 308 -7.38 -6.26 26.08
N GLY A 309 -7.25 -5.30 25.16
CA GLY A 309 -8.09 -5.22 23.95
C GLY A 309 -9.41 -4.56 24.24
N ASP A 310 -10.46 -4.97 23.53
CA ASP A 310 -11.76 -4.26 23.50
C ASP A 310 -12.39 -4.33 24.90
N ALA A 311 -11.96 -5.27 25.75
CA ALA A 311 -12.60 -5.55 27.07
C ALA A 311 -12.08 -4.55 28.11
N ALA A 312 -11.00 -3.84 27.79
CA ALA A 312 -10.33 -2.87 28.68
C ALA A 312 -10.70 -1.43 28.29
N ASP A 313 -11.08 -0.64 29.28
CA ASP A 313 -11.27 0.81 29.14
C ASP A 313 -9.88 1.43 29.17
N SER A 314 -9.13 1.30 28.08
CA SER A 314 -7.79 1.88 27.85
C SER A 314 -7.90 3.04 26.87
N GLU A 315 -6.80 3.74 26.63
CA GLU A 315 -6.65 4.79 25.58
C GLU A 315 -6.43 4.12 24.22
N GLY A 316 -6.44 2.79 24.16
CA GLY A 316 -6.31 2.03 22.91
C GLY A 316 -7.57 2.06 22.08
N LEU A 317 -7.45 2.30 20.77
CA LEU A 317 -8.61 2.20 19.83
C LEU A 317 -8.96 0.73 19.74
N PRO A 318 -10.24 0.37 19.54
CA PRO A 318 -10.62 -1.03 19.39
C PRO A 318 -10.10 -1.66 18.09
N LEU A 319 -8.79 -1.90 18.02
CA LEU A 319 -8.09 -2.45 16.80
C LEU A 319 -7.30 -3.69 17.18
N THR A 320 -7.24 -4.64 16.26
CA THR A 320 -6.50 -5.91 16.42
C THR A 320 -5.08 -5.63 16.96
N PRO A 321 -4.26 -4.77 16.31
CA PRO A 321 -2.89 -4.56 16.76
C PRO A 321 -2.77 -3.98 18.16
N VAL A 322 -3.70 -3.10 18.53
CA VAL A 322 -3.80 -2.54 19.91
C VAL A 322 -3.96 -3.70 20.89
N ALA A 323 -4.83 -4.67 20.58
CA ALA A 323 -5.09 -5.85 21.42
C ALA A 323 -3.79 -6.65 21.60
N VAL A 324 -2.96 -6.74 20.55
CA VAL A 324 -1.62 -7.39 20.61
C VAL A 324 -0.70 -6.54 21.50
N LEU A 325 -0.57 -5.26 21.17
CA LEU A 325 0.28 -4.31 21.94
C LEU A 325 -0.02 -4.44 23.44
N GLU A 326 -1.30 -4.34 23.83
CA GLU A 326 -1.77 -4.41 25.24
C GLU A 326 -1.49 -5.84 25.78
N GLY A 327 -1.65 -6.86 24.93
CA GLY A 327 -1.24 -8.26 25.23
C GLY A 327 0.20 -8.35 25.69
N HIS A 328 1.16 -7.73 24.99
CA HIS A 328 2.61 -7.86 25.31
C HIS A 328 2.86 -7.23 26.68
N THR A 329 2.05 -6.23 27.06
CA THR A 329 2.28 -5.44 28.28
C THR A 329 1.72 -6.20 29.48
N VAL A 330 0.51 -6.71 29.35
CA VAL A 330 -0.14 -7.49 30.43
C VAL A 330 0.77 -8.69 30.73
N ALA A 331 1.10 -9.48 29.71
CA ALA A 331 1.94 -10.69 29.84
C ALA A 331 3.27 -10.34 30.53
N SER A 332 3.86 -9.18 30.23
CA SER A 332 5.17 -8.74 30.79
C SER A 332 5.02 -8.48 32.30
N ASN A 333 4.01 -7.73 32.74
CA ASN A 333 3.79 -7.41 34.18
C ASN A 333 3.45 -8.66 34.99
N ILE A 334 2.80 -9.65 34.37
CA ILE A 334 2.49 -10.99 34.97
C ILE A 334 3.81 -11.73 35.22
N ILE A 335 4.55 -12.00 34.13
CA ILE A 335 5.75 -12.89 34.10
C ILE A 335 6.83 -12.32 35.02
N LYS A 336 7.03 -11.00 35.04
CA LYS A 336 8.21 -10.37 35.69
C LYS A 336 7.80 -9.53 36.91
N GLY A 337 6.53 -9.07 36.98
CA GLY A 337 6.06 -8.12 37.99
C GLY A 337 5.92 -6.71 37.42
N ASN A 338 5.11 -5.85 38.05
CA ASN A 338 4.58 -4.59 37.47
C ASN A 338 5.72 -3.60 37.17
N HIS A 339 6.44 -3.81 36.07
CA HIS A 339 7.55 -2.94 35.61
C HIS A 339 7.15 -2.11 34.37
N LYS A 340 6.33 -2.64 33.44
CA LYS A 340 6.10 -2.05 32.08
C LYS A 340 4.82 -1.22 32.02
N LYS A 341 4.94 0.07 31.65
CA LYS A 341 3.81 1.02 31.44
C LYS A 341 3.45 1.10 29.96
N ILE A 342 2.19 0.78 29.63
CA ILE A 342 1.64 0.79 28.25
C ILE A 342 1.97 2.12 27.57
N SER A 343 2.49 2.06 26.34
CA SER A 343 2.84 3.24 25.51
C SER A 343 2.25 3.06 24.10
N TYR A 344 1.43 4.01 23.65
CA TYR A 344 0.73 3.91 22.35
C TYR A 344 1.52 4.66 21.29
N PRO A 345 2.01 3.97 20.24
CA PRO A 345 2.43 4.66 19.03
C PRO A 345 1.18 5.11 18.29
N PRO A 346 1.32 5.79 17.15
CA PRO A 346 0.18 6.15 16.30
C PRO A 346 -0.77 4.97 16.08
N MET A 347 -2.07 5.24 15.99
CA MET A 347 -3.05 4.15 15.85
C MET A 347 -3.85 4.36 14.57
N PRO A 348 -3.21 4.12 13.41
CA PRO A 348 -3.88 4.26 12.12
C PRO A 348 -5.09 3.30 12.05
N THR A 349 -6.20 3.78 11.52
CA THR A 349 -7.48 3.03 11.35
C THR A 349 -7.92 3.19 9.90
N VAL A 350 -8.70 2.23 9.43
CA VAL A 350 -9.14 2.17 8.03
C VAL A 350 -10.61 1.82 8.01
N VAL A 351 -11.35 2.44 7.10
CA VAL A 351 -12.70 1.98 6.76
C VAL A 351 -12.52 1.27 5.43
N PHE A 352 -12.83 -0.01 5.35
CA PHE A 352 -12.51 -0.86 4.18
C PHE A 352 -13.63 -0.79 3.14
N THR A 353 -14.10 0.43 2.87
CA THR A 353 -14.97 0.70 1.70
C THR A 353 -14.06 0.78 0.48
N LEU A 354 -14.66 0.85 -0.71
CA LEU A 354 -13.96 1.28 -1.94
C LEU A 354 -14.63 2.57 -2.39
N PRO A 355 -13.94 3.73 -2.38
CA PRO A 355 -12.52 3.83 -2.02
C PRO A 355 -12.31 3.82 -0.50
N THR A 356 -11.15 3.37 -0.04
CA THR A 356 -10.85 3.20 1.40
C THR A 356 -10.69 4.58 2.00
N MET A 357 -11.05 4.71 3.26
CA MET A 357 -10.69 5.92 4.04
C MET A 357 -9.72 5.47 5.13
N ALA A 358 -8.73 6.30 5.40
CA ALA A 358 -7.71 6.01 6.42
C ALA A 358 -7.48 7.26 7.25
N SER A 359 -7.12 7.08 8.51
CA SER A 359 -6.84 8.18 9.46
C SER A 359 -5.87 7.71 10.53
N VAL A 360 -4.96 8.62 10.89
CA VAL A 360 -3.98 8.44 11.97
C VAL A 360 -3.78 9.80 12.68
N GLY A 361 -3.57 9.77 14.00
CA GLY A 361 -3.37 10.99 14.80
C GLY A 361 -4.64 11.83 14.91
N TYR A 362 -4.49 13.10 15.27
CA TYR A 362 -5.62 14.01 15.59
C TYR A 362 -6.27 14.58 14.32
N THR A 363 -7.58 14.79 14.47
CA THR A 363 -8.44 15.61 13.59
C THR A 363 -8.12 17.08 13.78
N GLU A 364 -8.61 17.93 12.87
CA GLU A 364 -8.40 19.38 12.98
C GLU A 364 -8.95 19.81 14.33
N SER A 365 -10.21 19.49 14.60
CA SER A 365 -10.88 20.05 15.81
C SER A 365 -10.23 19.48 17.07
N ARG A 366 -9.81 18.22 17.07
CA ARG A 366 -9.18 17.61 18.28
C ARG A 366 -7.91 18.38 18.63
N ALA A 367 -7.09 18.73 17.63
CA ALA A 367 -5.79 19.41 17.82
C ALA A 367 -6.04 20.83 18.32
N ARG A 368 -7.08 21.52 17.85
CA ARG A 368 -7.49 22.85 18.38
C ARG A 368 -7.98 22.73 19.83
N GLU A 369 -8.82 21.74 20.10
CA GLU A 369 -9.34 21.43 21.46
C GLU A 369 -8.15 21.29 22.42
N LEU A 370 -7.03 20.73 21.96
CA LEU A 370 -5.80 20.54 22.79
C LEU A 370 -4.88 21.76 22.71
N ASN A 371 -5.37 22.89 22.19
CA ASN A 371 -4.63 24.16 22.00
C ASN A 371 -3.23 23.89 21.39
N TYR A 372 -3.15 23.12 20.29
CA TYR A 372 -1.95 23.07 19.42
C TYR A 372 -2.03 24.20 18.39
N ASN A 373 -0.89 24.83 18.12
CA ASN A 373 -0.70 25.79 17.02
C ASN A 373 -0.52 25.01 15.71
N ILE A 374 -1.48 25.00 14.79
CA ILE A 374 -1.48 23.99 13.69
C ILE A 374 -1.46 24.65 12.30
N GLN A 375 -0.98 23.92 11.30
CA GLN A 375 -1.28 24.23 9.88
C GLN A 375 -2.13 23.07 9.34
N VAL A 376 -3.12 23.40 8.51
CA VAL A 376 -4.05 22.43 7.89
C VAL A 376 -3.86 22.46 6.38
N ASN A 377 -3.67 21.30 5.76
CA ASN A 377 -3.65 21.16 4.27
C ASN A 377 -4.76 20.19 3.94
N TYR A 378 -5.90 20.68 3.49
CA TYR A 378 -7.01 19.87 2.93
C TYR A 378 -7.08 20.16 1.44
N LYS A 379 -7.30 19.13 0.61
CA LYS A 379 -7.33 19.25 -0.87
C LYS A 379 -8.10 18.09 -1.47
N GLU A 380 -9.11 18.37 -2.31
CA GLU A 380 -9.73 17.37 -3.22
C GLU A 380 -8.86 17.27 -4.46
N VAL A 381 -8.40 16.08 -4.81
CA VAL A 381 -7.38 15.90 -5.87
C VAL A 381 -7.71 14.72 -6.78
N GLY A 382 -8.99 14.60 -7.17
CA GLY A 382 -9.53 13.65 -8.18
C GLY A 382 -8.87 13.79 -9.54
N ASP A 383 -8.32 14.96 -9.87
CA ASP A 383 -7.65 15.23 -11.16
C ASP A 383 -6.15 14.88 -11.13
N TRP A 384 -5.58 14.49 -9.98
CA TRP A 384 -4.20 13.91 -9.88
C TRP A 384 -4.09 12.55 -10.58
N PHE A 385 -2.94 12.34 -11.22
CA PHE A 385 -2.64 11.17 -12.10
C PHE A 385 -3.08 9.88 -11.42
N ASN A 386 -2.82 9.72 -10.11
CA ASN A 386 -2.96 8.41 -9.44
C ASN A 386 -4.45 8.04 -9.43
N ALA A 387 -5.32 9.02 -9.17
CA ALA A 387 -6.78 8.85 -9.17
C ALA A 387 -7.26 8.66 -10.62
N LYS A 388 -6.71 9.43 -11.56
CA LYS A 388 -7.23 9.47 -12.95
C LYS A 388 -6.86 8.20 -13.72
N ARG A 389 -5.68 7.62 -13.51
CA ARG A 389 -5.24 6.40 -14.25
C ARG A 389 -6.04 5.19 -13.77
N LEU A 390 -6.44 5.16 -12.49
CA LEU A 390 -7.24 4.06 -11.88
C LEU A 390 -8.72 4.43 -12.01
N ASN A 391 -9.01 5.63 -12.51
CA ASN A 391 -10.38 6.19 -12.72
C ASN A 391 -11.18 6.04 -11.42
N VAL A 392 -10.55 6.47 -10.33
CA VAL A 392 -11.19 6.63 -8.99
C VAL A 392 -11.53 8.10 -8.83
N ALA A 393 -12.83 8.41 -8.77
CA ALA A 393 -13.41 9.76 -8.69
C ALA A 393 -13.07 10.47 -7.36
N GLU A 394 -13.05 9.75 -6.24
CA GLU A 394 -12.89 10.39 -4.90
C GLU A 394 -11.43 10.18 -4.48
N TYR A 395 -10.65 11.26 -4.44
CA TYR A 395 -9.29 11.26 -3.90
C TYR A 395 -9.11 12.60 -3.21
N ALA A 396 -8.91 12.61 -1.89
CA ALA A 396 -8.71 13.85 -1.10
C ALA A 396 -7.90 13.55 0.16
N PHE A 397 -7.24 14.55 0.70
CA PHE A 397 -6.40 14.45 1.93
C PHE A 397 -6.63 15.66 2.82
N LYS A 398 -6.32 15.49 4.09
CA LYS A 398 -6.22 16.56 5.10
C LYS A 398 -5.08 16.18 6.05
N THR A 399 -4.00 16.96 6.01
CA THR A 399 -2.85 16.81 6.94
C THR A 399 -2.84 17.97 7.92
N ILE A 400 -2.48 17.65 9.16
CA ILE A 400 -2.48 18.56 10.32
C ILE A 400 -1.04 18.57 10.83
N ILE A 401 -0.35 19.70 10.68
CA ILE A 401 1.08 19.90 11.05
C ILE A 401 1.17 20.87 12.23
N ASP A 402 1.97 20.51 13.23
CA ASP A 402 2.27 21.39 14.40
C ASP A 402 3.23 22.50 13.93
N GLU A 403 2.82 23.77 13.99
CA GLU A 403 3.60 24.92 13.47
C GLU A 403 4.94 25.03 14.20
N GLU A 404 4.97 24.71 15.51
CA GLU A 404 6.18 24.84 16.35
C GLU A 404 7.25 23.88 15.86
N THR A 405 6.96 22.57 15.81
CA THR A 405 7.97 21.50 15.55
C THR A 405 8.11 21.16 14.07
N GLN A 406 7.17 21.59 13.21
CA GLN A 406 7.05 21.21 11.76
C GLN A 406 6.95 19.68 11.61
N THR A 407 6.29 19.00 12.56
CA THR A 407 5.98 17.54 12.51
C THR A 407 4.48 17.33 12.27
N ILE A 408 4.08 16.10 12.02
CA ILE A 408 2.67 15.77 11.68
C ILE A 408 1.93 15.38 12.97
N LEU A 409 0.77 16.01 13.18
CA LEU A 409 -0.19 15.70 14.26
C LEU A 409 -1.19 14.68 13.73
N GLY A 410 -1.54 14.73 12.44
CA GLY A 410 -2.47 13.72 11.91
C GLY A 410 -2.71 13.83 10.42
N ALA A 411 -3.17 12.75 9.82
CA ALA A 411 -3.42 12.66 8.36
C ALA A 411 -4.70 11.84 8.11
N HIS A 412 -5.50 12.28 7.14
CA HIS A 412 -6.86 11.76 6.89
C HIS A 412 -7.02 11.62 5.38
N LEU A 413 -7.29 10.42 4.92
CA LEU A 413 -7.15 10.12 3.47
C LEU A 413 -8.39 9.42 2.98
N ILE A 414 -8.76 9.69 1.72
CA ILE A 414 -9.69 8.84 0.93
C ILE A 414 -9.17 8.74 -0.52
N GLY A 415 -9.30 7.56 -1.12
CA GLY A 415 -8.79 7.29 -2.48
C GLY A 415 -8.14 5.92 -2.59
N PRO A 416 -7.41 5.64 -3.69
CA PRO A 416 -6.72 4.37 -3.85
C PRO A 416 -5.62 4.15 -2.81
N HIS A 417 -5.52 2.92 -2.30
CA HIS A 417 -4.44 2.37 -1.42
C HIS A 417 -4.27 3.15 -0.10
N THR A 418 -5.22 3.98 0.35
CA THR A 418 -5.03 4.77 1.60
C THR A 418 -4.75 3.81 2.78
N GLU A 419 -5.33 2.61 2.79
CA GLU A 419 -5.08 1.60 3.86
C GLU A 419 -3.58 1.32 4.02
N GLU A 420 -2.79 1.38 2.93
CA GLU A 420 -1.32 1.22 2.96
C GLU A 420 -0.67 2.58 3.27
N THR A 421 -0.97 3.60 2.48
CA THR A 421 -0.32 4.93 2.54
C THR A 421 -0.45 5.51 3.96
N ILE A 422 -1.58 5.27 4.64
CA ILE A 422 -1.80 5.83 6.00
C ILE A 422 -0.63 5.43 6.91
N ASN A 423 0.00 4.28 6.65
CA ASN A 423 1.10 3.74 7.48
C ASN A 423 2.35 4.58 7.34
N LEU A 424 2.52 5.32 6.26
CA LEU A 424 3.72 6.20 6.06
C LEU A 424 3.57 7.44 6.93
N PHE A 425 2.34 7.91 7.10
CA PHE A 425 2.01 9.03 8.01
C PHE A 425 2.18 8.56 9.46
N ALA A 426 1.82 7.30 9.73
CA ALA A 426 2.02 6.68 11.05
C ALA A 426 3.50 6.78 11.38
N MET A 427 4.36 6.33 10.48
CA MET A 427 5.82 6.21 10.74
C MET A 427 6.40 7.62 10.82
N ALA A 428 5.92 8.56 9.99
CA ALA A 428 6.39 9.96 10.02
C ALA A 428 6.10 10.54 11.40
N ILE A 429 4.94 10.21 11.96
CA ILE A 429 4.53 10.73 13.30
C ILE A 429 5.47 10.12 14.33
N LYS A 430 5.61 8.80 14.35
CA LYS A 430 6.35 8.08 15.41
C LYS A 430 7.81 8.52 15.40
N THR A 431 8.38 8.83 14.24
CA THR A 431 9.82 9.17 14.09
C THR A 431 10.00 10.69 14.12
N LYS A 432 8.93 11.47 14.32
CA LYS A 432 9.02 12.93 14.58
C LYS A 432 9.73 13.58 13.40
N MET A 433 9.51 13.02 12.22
CA MET A 433 10.14 13.41 10.95
C MET A 433 9.66 14.82 10.55
N LYS A 434 10.57 15.76 10.30
CA LYS A 434 10.22 17.16 9.92
C LYS A 434 9.55 17.15 8.53
N VAL A 435 8.57 18.04 8.35
CA VAL A 435 7.77 18.17 7.10
C VAL A 435 8.74 18.25 5.90
N ASN A 436 9.80 19.05 6.01
CA ASN A 436 10.76 19.23 4.89
C ASN A 436 11.55 17.95 4.63
N ASP A 437 11.68 17.03 5.59
CA ASP A 437 12.46 15.77 5.36
C ASP A 437 11.58 14.79 4.59
N ILE A 438 10.26 14.95 4.64
CA ILE A 438 9.30 14.09 3.88
C ILE A 438 9.20 14.68 2.47
N ARG A 439 9.20 16.00 2.35
CA ARG A 439 9.10 16.68 1.03
C ARG A 439 10.29 16.26 0.15
N THR A 440 11.50 16.22 0.69
CA THR A 440 12.76 15.91 -0.06
C THR A 440 13.11 14.43 -0.08
N MET A 441 12.29 13.56 0.55
CA MET A 441 12.44 12.08 0.45
C MET A 441 12.22 11.64 -1.01
N ILE A 442 12.83 10.51 -1.35
CA ILE A 442 12.58 9.82 -2.65
C ILE A 442 11.67 8.63 -2.37
N PHE A 443 10.57 8.59 -3.12
CA PHE A 443 9.58 7.50 -3.15
C PHE A 443 9.71 6.77 -4.48
N SER A 444 9.44 5.47 -4.51
CA SER A 444 9.12 4.72 -5.76
C SER A 444 8.02 5.49 -6.49
N TYR A 445 8.08 5.55 -7.83
CA TYR A 445 7.13 6.27 -8.72
C TYR A 445 6.93 5.45 -9.98
N PRO A 446 5.72 5.38 -10.60
CA PRO A 446 4.50 5.98 -10.08
C PRO A 446 3.81 5.12 -9.00
N THR A 447 3.52 5.71 -7.85
CA THR A 447 2.90 5.03 -6.69
C THR A 447 2.08 6.04 -5.89
N LEU A 448 1.15 5.57 -5.07
CA LEU A 448 0.29 6.45 -4.22
C LEU A 448 1.15 7.08 -3.11
N ALA A 449 2.14 6.36 -2.63
CA ALA A 449 3.05 6.87 -1.60
C ALA A 449 3.72 8.16 -2.11
N SER A 450 4.02 8.22 -3.40
CA SER A 450 4.77 9.35 -4.02
C SER A 450 3.96 10.64 -4.02
N ASP A 451 2.66 10.59 -3.68
CA ASP A 451 1.82 11.81 -3.53
C ASP A 451 1.99 12.41 -2.11
N ILE A 452 2.60 11.70 -1.16
CA ILE A 452 2.70 12.21 0.25
C ILE A 452 3.39 13.58 0.27
N PRO A 453 4.52 13.81 -0.43
CA PRO A 453 5.20 15.12 -0.39
C PRO A 453 4.34 16.30 -0.86
N HIS A 454 3.32 16.02 -1.66
CA HIS A 454 2.38 17.03 -2.19
C HIS A 454 1.22 17.23 -1.21
N MET A 455 1.21 16.54 -0.08
CA MET A 455 0.05 16.61 0.85
C MET A 455 0.39 17.49 2.04
N LEU A 456 1.51 18.19 1.94
CA LEU A 456 2.12 18.91 3.08
C LEU A 456 2.21 20.41 2.70
N TYR B 12 20.58 35.00 -21.77
CA TYR B 12 19.67 34.51 -20.66
C TYR B 12 20.48 34.27 -19.38
N ASP B 13 19.85 34.45 -18.20
CA ASP B 13 20.38 33.99 -16.89
C ASP B 13 20.68 32.49 -16.96
N VAL B 14 19.65 31.69 -17.27
CA VAL B 14 19.72 30.20 -17.37
C VAL B 14 19.17 29.75 -18.72
N PHE B 15 19.92 28.92 -19.45
CA PHE B 15 19.43 28.19 -20.65
C PHE B 15 19.54 26.69 -20.38
N ILE B 16 18.43 25.97 -20.64
CA ILE B 16 18.22 24.54 -20.26
C ILE B 16 17.97 23.71 -21.53
N ILE B 17 18.79 22.67 -21.74
CA ILE B 17 18.64 21.64 -22.81
C ILE B 17 17.74 20.50 -22.27
N GLY B 18 16.50 20.38 -22.78
CA GLY B 18 15.56 19.31 -22.42
C GLY B 18 14.59 19.73 -21.33
N SER B 19 13.28 19.78 -21.63
CA SER B 19 12.18 19.99 -20.65
C SER B 19 11.65 18.63 -20.15
N GLY B 20 12.54 17.82 -19.57
CA GLY B 20 12.22 16.62 -18.79
C GLY B 20 11.80 16.97 -17.36
N MET B 21 11.93 16.00 -16.45
CA MET B 21 11.60 16.19 -15.02
C MET B 21 12.64 17.12 -14.40
N ALA B 22 13.91 17.00 -14.81
CA ALA B 22 15.03 17.87 -14.37
C ALA B 22 14.88 19.26 -14.99
N GLY B 23 14.58 19.31 -16.29
CA GLY B 23 14.40 20.57 -17.05
C GLY B 23 13.29 21.41 -16.45
N MET B 24 12.08 20.86 -16.36
CA MET B 24 10.88 21.53 -15.82
C MET B 24 11.15 22.08 -14.42
N THR B 25 11.85 21.30 -13.59
CA THR B 25 12.07 21.59 -12.15
C THR B 25 12.95 22.83 -12.01
N ILE B 26 14.08 22.87 -12.72
CA ILE B 26 15.08 24.00 -12.69
C ILE B 26 14.42 25.25 -13.32
N ALA B 27 13.78 25.08 -14.48
CA ALA B 27 13.10 26.17 -15.22
C ALA B 27 12.12 26.88 -14.29
N ASN B 28 11.12 26.15 -13.79
CA ASN B 28 10.03 26.71 -12.95
C ASN B 28 10.63 27.33 -11.67
N LYS B 29 11.66 26.72 -11.08
CA LYS B 29 12.26 27.17 -9.78
C LYS B 29 12.98 28.51 -10.00
N CYS B 30 13.85 28.62 -11.00
CA CYS B 30 14.58 29.86 -11.36
C CYS B 30 13.60 30.98 -11.72
N ALA B 31 12.62 30.68 -12.58
CA ALA B 31 11.67 31.66 -13.17
C ALA B 31 10.86 32.36 -12.07
N SER B 32 10.61 31.69 -10.93
CA SER B 32 9.80 32.21 -9.80
C SER B 32 10.61 33.19 -8.93
N LYS B 33 11.94 33.23 -9.06
CA LYS B 33 12.83 34.13 -8.27
C LYS B 33 13.13 35.42 -9.05
N GLY B 34 12.69 35.50 -10.31
CA GLY B 34 12.79 36.70 -11.17
C GLY B 34 13.88 36.57 -12.21
N LEU B 35 14.44 35.38 -12.41
CA LEU B 35 15.49 35.14 -13.45
C LEU B 35 14.82 35.08 -14.83
N THR B 36 15.57 35.47 -15.86
CA THR B 36 15.27 35.23 -17.30
C THR B 36 15.57 33.75 -17.59
N VAL B 37 14.62 33.01 -18.19
CA VAL B 37 14.77 31.54 -18.41
C VAL B 37 14.48 31.23 -19.88
N GLY B 38 15.42 30.54 -20.54
CA GLY B 38 15.24 29.96 -21.89
C GLY B 38 15.39 28.45 -21.85
N ILE B 39 14.41 27.72 -22.37
CA ILE B 39 14.47 26.22 -22.41
C ILE B 39 14.12 25.74 -23.82
N THR B 40 14.77 24.67 -24.25
CA THR B 40 14.53 23.97 -25.54
C THR B 40 14.44 22.47 -25.27
N ASP B 41 13.60 21.77 -26.04
CA ASP B 41 13.61 20.28 -26.14
C ASP B 41 13.86 19.92 -27.60
N GLU B 42 12.87 19.32 -28.28
CA GLU B 42 12.92 18.83 -29.68
C GLU B 42 11.63 18.04 -29.93
N LEU B 43 11.25 17.22 -28.95
CA LEU B 43 9.96 16.51 -28.90
C LEU B 43 9.01 17.37 -28.07
N PRO B 44 7.72 17.00 -27.92
CA PRO B 44 6.83 17.75 -27.03
C PRO B 44 7.40 17.84 -25.61
N TYR B 45 7.12 18.94 -24.90
CA TYR B 45 7.59 19.17 -23.52
C TYR B 45 6.92 18.17 -22.57
N GLY B 46 7.70 17.49 -21.74
CA GLY B 46 7.21 16.54 -20.74
C GLY B 46 8.29 15.58 -20.27
N GLY B 47 9.04 14.96 -21.18
CA GLY B 47 10.16 14.07 -20.81
C GLY B 47 9.83 12.61 -21.00
N THR B 48 10.82 11.71 -20.87
CA THR B 48 10.65 10.25 -21.08
C THR B 48 9.59 9.69 -20.12
N CYS B 49 9.60 10.10 -18.85
CA CYS B 49 8.71 9.49 -17.81
C CYS B 49 7.25 9.73 -18.22
N ALA B 50 6.91 11.00 -18.45
CA ALA B 50 5.54 11.48 -18.68
C ALA B 50 5.00 11.00 -20.05
N LEU B 51 5.81 10.94 -21.11
CA LEU B 51 5.27 10.79 -22.50
C LEU B 51 5.62 9.41 -23.08
N ARG B 52 6.73 8.82 -22.69
CA ARG B 52 7.27 7.60 -23.33
C ARG B 52 7.85 6.64 -22.28
N GLY B 53 7.48 6.76 -21.00
CA GLY B 53 8.13 6.00 -19.92
C GLY B 53 7.17 5.52 -18.85
N CYS B 54 7.42 5.93 -17.59
CA CYS B 54 6.77 5.45 -16.35
C CYS B 54 5.26 5.69 -16.42
N ASP B 55 4.85 6.93 -16.71
CA ASP B 55 3.43 7.33 -16.70
C ASP B 55 2.63 6.46 -17.65
N PRO B 56 2.87 6.50 -18.99
CA PRO B 56 2.05 5.73 -19.94
C PRO B 56 2.10 4.23 -19.69
N LYS B 57 3.23 3.72 -19.22
CA LYS B 57 3.43 2.29 -18.89
C LYS B 57 2.48 1.86 -17.76
N LYS B 58 2.35 2.69 -16.72
CA LYS B 58 1.53 2.41 -15.51
C LYS B 58 0.06 2.42 -15.90
N VAL B 59 -0.36 3.38 -16.73
CA VAL B 59 -1.76 3.39 -17.27
C VAL B 59 -2.08 2.02 -17.89
N ILE B 60 -1.23 1.54 -18.79
CA ILE B 60 -1.47 0.27 -19.54
C ILE B 60 -1.49 -0.88 -18.54
N ILE B 61 -0.57 -0.92 -17.58
CA ILE B 61 -0.48 -2.03 -16.58
C ILE B 61 -1.80 -2.13 -15.79
N GLY B 62 -2.47 -1.01 -15.51
CA GLY B 62 -3.79 -1.04 -14.87
C GLY B 62 -4.68 -2.14 -15.44
N ALA B 63 -4.91 -2.14 -16.75
CA ALA B 63 -5.88 -3.06 -17.37
C ALA B 63 -5.43 -4.50 -17.08
N THR B 64 -4.12 -4.73 -17.07
CA THR B 64 -3.56 -6.09 -16.90
C THR B 64 -3.78 -6.52 -15.44
N GLU B 65 -3.67 -5.60 -14.47
CA GLU B 65 -3.92 -5.87 -13.02
C GLU B 65 -5.35 -6.38 -12.89
N VAL B 66 -6.33 -5.80 -13.60
CA VAL B 66 -7.74 -6.30 -13.58
C VAL B 66 -7.72 -7.78 -14.00
N ARG B 67 -7.18 -8.06 -15.17
CA ARG B 67 -7.16 -9.42 -15.74
C ARG B 67 -6.48 -10.34 -14.73
N ASP B 68 -5.28 -9.98 -14.28
CA ASP B 68 -4.48 -10.78 -13.31
C ASP B 68 -5.31 -11.09 -12.06
N PHE B 69 -5.95 -10.06 -11.48
CA PHE B 69 -6.70 -10.17 -10.20
C PHE B 69 -7.90 -11.09 -10.44
N ALA B 70 -8.66 -10.83 -11.52
CA ALA B 70 -9.80 -11.66 -11.97
C ALA B 70 -9.23 -12.92 -12.58
N LYS B 71 -8.70 -13.83 -11.78
CA LYS B 71 -8.00 -15.04 -12.28
C LYS B 71 -7.23 -15.68 -11.12
N ARG B 72 -6.63 -14.84 -10.29
CA ARG B 72 -6.19 -15.29 -8.96
C ARG B 72 -7.45 -15.74 -8.18
N LEU B 73 -8.59 -15.07 -8.40
CA LEU B 73 -9.84 -15.39 -7.66
C LEU B 73 -10.78 -16.16 -8.57
N LYS B 74 -10.28 -16.61 -9.73
CA LYS B 74 -11.01 -17.54 -10.63
C LYS B 74 -11.43 -18.76 -9.79
N GLY B 75 -12.74 -19.04 -9.78
CA GLY B 75 -13.38 -20.16 -9.07
C GLY B 75 -13.57 -19.90 -7.59
N SER B 76 -12.96 -18.84 -7.05
CA SER B 76 -13.01 -18.47 -5.60
C SER B 76 -13.84 -17.17 -5.42
N GLY B 77 -14.79 -16.88 -6.30
CA GLY B 77 -15.63 -15.67 -6.25
C GLY B 77 -15.67 -14.92 -7.57
N ILE B 78 -14.75 -15.24 -8.48
CA ILE B 78 -14.75 -14.69 -9.86
C ILE B 78 -14.87 -15.88 -10.84
N ASP B 79 -15.79 -15.75 -11.79
CA ASP B 79 -16.16 -16.79 -12.77
C ASP B 79 -15.52 -16.46 -14.13
N THR B 80 -15.57 -15.18 -14.54
CA THR B 80 -15.09 -14.67 -15.86
C THR B 80 -13.79 -13.85 -15.68
N ILE B 81 -12.80 -14.11 -16.54
CA ILE B 81 -11.49 -13.39 -16.59
C ILE B 81 -11.55 -12.43 -17.77
N PRO B 82 -11.52 -11.10 -17.56
CA PRO B 82 -11.65 -10.14 -18.66
C PRO B 82 -10.42 -10.13 -19.58
N LYS B 83 -10.65 -9.98 -20.89
CA LYS B 83 -9.58 -9.83 -21.90
C LYS B 83 -9.27 -8.34 -22.03
N VAL B 84 -8.00 -8.00 -22.18
CA VAL B 84 -7.59 -6.57 -22.35
C VAL B 84 -7.88 -6.14 -23.80
N ASN B 85 -8.57 -5.04 -23.95
CA ASN B 85 -8.83 -4.39 -25.25
C ASN B 85 -7.64 -3.49 -25.54
N TRP B 86 -6.64 -3.99 -26.27
CA TRP B 86 -5.42 -3.23 -26.63
C TRP B 86 -5.77 -1.83 -27.20
N LYS B 87 -6.76 -1.67 -28.08
CA LYS B 87 -7.12 -0.36 -28.73
C LYS B 87 -7.52 0.66 -27.66
N ASP B 88 -8.45 0.29 -26.78
CA ASP B 88 -9.17 1.23 -25.86
C ASP B 88 -8.21 1.69 -24.74
N ILE B 89 -7.31 0.84 -24.26
CA ILE B 89 -6.34 1.30 -23.24
C ILE B 89 -5.20 2.12 -23.88
N MET B 90 -4.83 1.85 -25.13
CA MET B 90 -3.95 2.75 -25.93
C MET B 90 -4.60 4.13 -25.99
N ALA B 91 -5.89 4.20 -26.31
CA ALA B 91 -6.58 5.50 -26.46
C ALA B 91 -6.53 6.20 -25.10
N PHE B 92 -6.84 5.45 -24.04
CA PHE B 92 -6.84 5.91 -22.62
C PHE B 92 -5.42 6.40 -22.26
N LYS B 93 -4.41 5.59 -22.55
CA LYS B 93 -2.99 5.99 -22.39
C LYS B 93 -2.71 7.28 -23.18
N GLN B 94 -3.19 7.38 -24.43
CA GLN B 94 -2.85 8.51 -25.35
C GLN B 94 -3.42 9.81 -24.77
N SER B 95 -4.64 9.80 -24.21
CA SER B 95 -5.29 10.99 -23.61
C SER B 95 -4.39 11.58 -22.50
N PHE B 96 -3.68 10.72 -21.78
CA PHE B 96 -2.75 11.15 -20.71
C PHE B 96 -1.56 11.85 -21.36
N VAL B 97 -0.87 11.13 -22.26
CA VAL B 97 0.33 11.63 -23.01
C VAL B 97 -0.02 12.93 -23.75
N ASP B 98 -1.13 13.01 -24.49
CA ASP B 98 -1.42 14.18 -25.36
C ASP B 98 -1.74 15.44 -24.56
N GLU B 99 -2.23 15.32 -23.33
CA GLU B 99 -2.76 16.49 -22.58
C GLU B 99 -1.61 17.13 -21.79
N MET B 100 -0.47 16.45 -21.68
CA MET B 100 0.67 16.85 -20.82
C MET B 100 1.48 17.98 -21.47
N PRO B 101 1.99 17.87 -22.72
CA PRO B 101 2.76 18.96 -23.34
C PRO B 101 2.05 20.32 -23.38
N PRO B 102 0.77 20.43 -23.79
CA PRO B 102 0.05 21.71 -23.66
C PRO B 102 -0.03 22.22 -22.21
N LYS B 103 -0.01 21.32 -21.22
CA LYS B 103 -0.04 21.69 -19.77
C LYS B 103 1.32 22.26 -19.35
N VAL B 104 2.43 21.84 -19.98
CA VAL B 104 3.79 22.39 -19.67
C VAL B 104 3.88 23.81 -20.25
N GLU B 105 3.33 24.05 -21.45
CA GLU B 105 3.30 25.39 -22.09
C GLU B 105 2.63 26.37 -21.12
N LYS B 106 1.42 26.03 -20.66
CA LYS B 106 0.57 26.89 -19.78
C LYS B 106 1.40 27.30 -18.53
N GLY B 107 2.18 26.38 -17.96
CA GLY B 107 3.10 26.66 -16.85
C GLY B 107 4.26 27.57 -17.26
N TYR B 108 4.97 27.22 -18.33
CA TYR B 108 6.17 27.97 -18.80
C TYR B 108 5.77 29.40 -19.17
N LYS B 109 4.66 29.56 -19.90
CA LYS B 109 4.15 30.89 -20.36
C LYS B 109 3.77 31.73 -19.14
N ARG B 110 3.08 31.13 -18.16
CA ARG B 110 2.59 31.82 -16.94
C ARG B 110 3.75 32.16 -15.99
N ASN B 111 5.02 32.09 -16.43
CA ASN B 111 6.19 32.40 -15.56
C ASN B 111 7.29 33.13 -16.35
N GLY B 112 6.97 33.74 -17.49
CA GLY B 112 7.92 34.45 -18.36
C GLY B 112 9.11 33.58 -18.74
N ILE B 113 8.83 32.38 -19.26
CA ILE B 113 9.87 31.42 -19.73
C ILE B 113 9.71 31.27 -21.23
N ASP B 114 10.81 31.41 -21.97
CA ASP B 114 10.80 31.40 -23.44
C ASP B 114 10.91 29.94 -23.89
N THR B 115 9.89 29.47 -24.62
CA THR B 115 9.75 28.09 -25.15
C THR B 115 10.40 28.04 -26.53
N PHE B 116 11.38 27.15 -26.73
CA PHE B 116 12.03 26.84 -28.04
C PHE B 116 11.96 25.33 -28.25
N HIS B 117 11.59 24.88 -29.45
CA HIS B 117 11.23 23.45 -29.69
C HIS B 117 12.21 22.80 -30.66
N SER B 118 13.47 23.24 -30.72
CA SER B 118 14.51 22.76 -31.67
C SER B 118 15.59 22.01 -30.89
N SER B 119 16.35 21.11 -31.53
CA SER B 119 17.47 20.34 -30.93
C SER B 119 18.62 21.30 -30.54
N SER B 124 31.17 25.96 -28.31
CA SER B 124 32.37 26.44 -27.58
C SER B 124 32.13 26.42 -26.06
N GLN B 125 32.95 27.14 -25.27
CA GLN B 125 32.93 27.12 -23.77
C GLN B 125 31.50 27.38 -23.26
N ASN B 126 30.79 28.39 -23.79
CA ASN B 126 29.40 28.77 -23.39
C ASN B 126 28.57 29.24 -24.61
N THR B 127 28.63 28.52 -25.75
CA THR B 127 27.90 28.86 -27.02
C THR B 127 26.84 27.78 -27.32
N ILE B 135 22.26 30.73 -29.16
CA ILE B 135 22.14 31.65 -28.00
C ILE B 135 23.20 31.25 -26.96
N LYS B 136 23.91 32.25 -26.46
CA LYS B 136 24.80 32.23 -25.27
C LYS B 136 23.95 32.60 -24.04
N ALA B 137 24.39 32.16 -22.86
CA ALA B 137 23.75 32.48 -21.56
C ALA B 137 24.81 32.38 -20.46
N LYS B 138 24.51 32.89 -19.26
CA LYS B 138 25.50 33.04 -18.15
C LYS B 138 25.77 31.67 -17.51
N LYS B 139 24.70 30.90 -17.26
CA LYS B 139 24.81 29.48 -16.80
C LYS B 139 23.89 28.60 -17.68
N ILE B 140 24.44 27.46 -18.13
CA ILE B 140 23.80 26.49 -19.07
C ILE B 140 23.62 25.15 -18.34
N VAL B 141 22.47 24.50 -18.54
CA VAL B 141 22.06 23.20 -17.91
C VAL B 141 21.91 22.13 -18.99
N ILE B 142 22.56 20.98 -18.80
CA ILE B 142 22.39 19.75 -19.64
C ILE B 142 21.42 18.82 -18.91
N ALA B 143 20.15 18.78 -19.34
CA ALA B 143 19.13 17.82 -18.82
C ALA B 143 18.48 17.04 -19.96
N SER B 144 19.30 16.45 -20.84
CA SER B 144 18.89 15.71 -22.07
C SER B 144 18.38 14.30 -21.73
N GLY B 145 18.62 13.84 -20.50
CA GLY B 145 18.16 12.52 -20.05
C GLY B 145 18.96 11.43 -20.72
N SER B 146 18.32 10.30 -21.06
CA SER B 146 18.95 9.17 -21.79
C SER B 146 18.27 8.97 -23.16
N LYS B 147 18.84 8.08 -23.98
CA LYS B 147 18.30 7.61 -25.28
C LYS B 147 18.43 6.09 -25.31
N PRO B 148 17.61 5.41 -26.15
CA PRO B 148 17.80 3.99 -26.39
C PRO B 148 19.23 3.77 -26.90
N ARG B 149 19.88 2.69 -26.44
CA ARG B 149 21.17 2.27 -27.00
C ARG B 149 20.96 1.97 -28.50
N VAL B 150 21.81 2.54 -29.36
CA VAL B 150 21.92 2.15 -30.78
C VAL B 150 22.60 0.76 -30.77
N LEU B 151 21.89 -0.28 -31.21
CA LEU B 151 22.43 -1.67 -31.31
C LEU B 151 23.25 -1.75 -32.60
N GLU B 152 24.53 -2.12 -32.48
CA GLU B 152 25.51 -2.10 -33.59
C GLU B 152 25.87 -3.54 -33.91
N PHE B 153 24.93 -4.23 -34.56
CA PHE B 153 25.08 -5.54 -35.25
C PHE B 153 24.17 -5.50 -36.49
N GLU B 154 24.40 -6.41 -37.43
CA GLU B 154 23.68 -6.43 -38.74
C GLU B 154 22.19 -6.60 -38.45
N GLY B 155 21.39 -5.54 -38.63
CA GLY B 155 19.93 -5.59 -38.49
C GLY B 155 19.43 -4.96 -37.19
N GLY B 156 20.34 -4.41 -36.37
CA GLY B 156 20.03 -3.69 -35.12
C GLY B 156 18.90 -2.68 -35.27
N HIS B 157 18.83 -1.95 -36.39
CA HIS B 157 17.84 -0.87 -36.69
C HIS B 157 16.39 -1.38 -36.72
N PHE B 158 16.15 -2.68 -36.94
CA PHE B 158 14.80 -3.32 -37.03
C PHE B 158 14.08 -3.28 -35.67
N ALA B 159 14.87 -3.43 -34.60
CA ALA B 159 14.48 -3.46 -33.17
C ALA B 159 13.83 -2.13 -32.82
N LYS B 160 12.57 -2.13 -32.42
CA LYS B 160 11.85 -0.86 -32.09
C LYS B 160 12.23 -0.42 -30.67
N THR B 161 12.01 0.87 -30.39
CA THR B 161 12.28 1.56 -29.10
C THR B 161 11.19 1.15 -28.11
N SER B 162 11.45 1.29 -26.81
CA SER B 162 10.43 1.09 -25.75
C SER B 162 9.27 2.09 -25.95
N ALA B 163 9.53 3.30 -26.43
CA ALA B 163 8.47 4.31 -26.76
C ALA B 163 7.51 3.71 -27.80
N ASP B 164 8.03 2.97 -28.79
CA ASP B 164 7.25 2.36 -29.88
C ASP B 164 6.31 1.29 -29.31
N PHE B 165 6.76 0.53 -28.30
CA PHE B 165 5.89 -0.45 -27.60
C PHE B 165 4.67 0.28 -27.01
N LEU B 166 4.88 1.51 -26.50
CA LEU B 166 3.85 2.28 -25.78
C LEU B 166 3.05 3.13 -26.77
N ASN B 167 3.31 2.97 -28.07
CA ASN B 167 2.57 3.68 -29.16
C ASN B 167 1.94 2.65 -30.12
N LEU B 168 2.05 1.33 -29.86
CA LEU B 168 1.59 0.26 -30.78
C LEU B 168 0.08 0.41 -31.05
N ASP B 169 -0.35 0.63 -32.30
CA ASP B 169 -1.78 0.66 -32.73
C ASP B 169 -2.45 -0.68 -32.38
N GLU B 170 -1.72 -1.76 -32.66
CA GLU B 170 -2.20 -3.16 -32.50
C GLU B 170 -1.12 -3.92 -31.75
N LEU B 171 -1.49 -4.93 -30.97
CA LEU B 171 -0.47 -5.78 -30.32
C LEU B 171 -0.07 -6.87 -31.31
N PRO B 172 1.23 -7.05 -31.63
CA PRO B 172 1.68 -8.21 -32.39
C PRO B 172 1.35 -9.55 -31.71
N LYS B 173 1.51 -10.67 -32.43
CA LYS B 173 1.08 -12.02 -31.97
C LYS B 173 2.23 -12.67 -31.20
N SER B 174 3.47 -12.35 -31.58
CA SER B 174 4.71 -12.69 -30.84
C SER B 174 5.59 -11.42 -30.69
N LEU B 175 6.30 -11.31 -29.57
CA LEU B 175 7.22 -10.18 -29.24
C LEU B 175 8.50 -10.76 -28.65
N LEU B 176 9.65 -10.26 -29.09
CA LEU B 176 10.95 -10.63 -28.47
C LEU B 176 11.63 -9.36 -27.94
N PHE B 177 12.15 -9.46 -26.71
CA PHE B 177 12.79 -8.35 -25.95
C PHE B 177 14.26 -8.72 -25.74
N ILE B 178 15.16 -7.91 -26.31
CA ILE B 178 16.63 -8.03 -26.09
C ILE B 178 16.94 -7.20 -24.83
N GLY B 179 17.21 -7.87 -23.72
CA GLY B 179 17.45 -7.19 -22.44
C GLY B 179 17.35 -8.16 -21.27
N GLY B 180 17.79 -7.72 -20.10
CA GLY B 180 17.59 -8.45 -18.83
C GLY B 180 17.16 -7.55 -17.68
N GLY B 181 16.86 -6.27 -17.95
CA GLY B 181 16.51 -5.26 -16.93
C GLY B 181 15.00 -5.09 -16.78
N TYR B 182 14.60 -4.03 -16.09
CA TYR B 182 13.24 -3.80 -15.54
C TYR B 182 12.24 -3.64 -16.70
N ILE B 183 12.64 -2.94 -17.75
CA ILE B 183 11.72 -2.57 -18.84
C ILE B 183 11.43 -3.81 -19.69
N ALA B 184 12.44 -4.60 -20.00
CA ALA B 184 12.30 -5.88 -20.74
C ALA B 184 11.24 -6.76 -20.05
N PHE B 185 11.31 -6.90 -18.73
CA PHE B 185 10.38 -7.74 -17.93
C PHE B 185 9.02 -7.04 -17.80
N GLU B 186 8.98 -5.75 -17.49
CA GLU B 186 7.70 -5.00 -17.33
C GLU B 186 6.88 -5.16 -18.62
N PHE B 187 7.51 -4.99 -19.79
CA PHE B 187 6.87 -5.02 -21.13
C PHE B 187 6.48 -6.47 -21.51
N ALA B 188 7.30 -7.46 -21.14
CA ALA B 188 7.02 -8.90 -21.38
C ALA B 188 5.76 -9.31 -20.62
N HIS B 189 5.62 -8.84 -19.37
CA HIS B 189 4.43 -9.11 -18.52
C HIS B 189 3.21 -8.54 -19.22
N ILE B 190 3.26 -7.26 -19.58
CA ILE B 190 2.12 -6.57 -20.24
C ILE B 190 1.71 -7.39 -21.46
N ALA B 191 2.64 -7.64 -22.39
CA ALA B 191 2.36 -8.30 -23.70
C ALA B 191 1.73 -9.67 -23.45
N ALA B 192 2.31 -10.49 -22.57
CA ALA B 192 1.81 -11.85 -22.23
C ALA B 192 0.34 -11.77 -21.73
N ARG B 193 0.08 -10.92 -20.74
CA ARG B 193 -1.27 -10.68 -20.16
C ARG B 193 -2.25 -10.21 -21.23
N CYS B 194 -1.76 -9.55 -22.29
CA CYS B 194 -2.61 -9.01 -23.36
C CYS B 194 -2.83 -10.03 -24.48
N GLY B 195 -2.25 -11.23 -24.36
CA GLY B 195 -2.48 -12.42 -25.21
C GLY B 195 -1.46 -12.58 -26.34
N ALA B 196 -0.15 -12.61 -26.04
CA ALA B 196 0.92 -12.73 -27.04
C ALA B 196 1.99 -13.72 -26.58
N GLU B 197 2.63 -14.40 -27.55
CA GLU B 197 3.79 -15.29 -27.25
C GLU B 197 5.00 -14.37 -27.08
N VAL B 198 5.73 -14.50 -25.97
CA VAL B 198 6.77 -13.49 -25.59
C VAL B 198 8.07 -14.18 -25.25
N THR B 199 9.18 -13.58 -25.68
CA THR B 199 10.54 -14.08 -25.43
C THR B 199 11.41 -12.95 -24.88
N ILE B 200 12.25 -13.26 -23.89
CA ILE B 200 13.33 -12.37 -23.39
C ILE B 200 14.66 -13.06 -23.72
N VAL B 201 15.48 -12.41 -24.54
CA VAL B 201 16.87 -12.86 -24.81
C VAL B 201 17.82 -11.95 -24.01
N HIS B 202 18.49 -12.53 -23.02
CA HIS B 202 19.40 -11.78 -22.12
C HIS B 202 20.83 -12.29 -22.32
N ARG B 203 21.78 -11.35 -22.47
CA ARG B 203 23.23 -11.63 -22.66
C ARG B 203 23.81 -12.26 -21.39
N GLY B 204 23.32 -11.85 -20.22
CA GLY B 204 23.94 -12.13 -18.91
C GLY B 204 23.61 -13.50 -18.35
N ASN B 205 24.31 -13.87 -17.28
CA ASN B 205 24.17 -15.18 -16.58
C ASN B 205 22.85 -15.17 -15.78
N ASN B 206 22.49 -14.01 -15.22
CA ASN B 206 21.29 -13.79 -14.38
C ASN B 206 20.46 -12.63 -14.94
N PRO B 207 19.12 -12.74 -14.93
CA PRO B 207 18.28 -11.57 -15.22
C PRO B 207 18.30 -10.58 -14.05
N LEU B 208 18.14 -9.29 -14.34
CA LEU B 208 18.06 -8.21 -13.32
C LEU B 208 19.23 -8.37 -12.33
N GLU B 209 20.47 -8.29 -12.84
CA GLU B 209 21.72 -8.61 -12.11
C GLU B 209 21.89 -7.74 -10.86
N ASN B 210 21.49 -6.46 -10.90
CA ASN B 210 21.66 -5.49 -9.77
C ASN B 210 20.87 -5.99 -8.55
N PHE B 211 19.72 -6.65 -8.75
CA PHE B 211 18.78 -7.03 -7.68
C PHE B 211 19.20 -8.34 -7.01
N GLU B 212 18.82 -8.46 -5.73
CA GLU B 212 19.00 -9.66 -4.91
C GLU B 212 18.44 -10.86 -5.68
N GLN B 213 19.26 -11.87 -5.94
CA GLN B 213 18.82 -13.03 -6.77
C GLN B 213 17.91 -13.94 -5.93
N ASP B 214 18.07 -13.97 -4.60
CA ASP B 214 17.16 -14.74 -3.69
C ASP B 214 15.71 -14.27 -3.91
N ILE B 215 15.51 -13.06 -4.45
CA ILE B 215 14.18 -12.45 -4.74
C ILE B 215 13.86 -12.63 -6.23
N VAL B 216 14.81 -12.28 -7.12
CA VAL B 216 14.61 -12.27 -8.61
C VAL B 216 14.10 -13.65 -9.07
N LYS B 217 14.70 -14.73 -8.56
CA LYS B 217 14.33 -16.14 -8.85
C LYS B 217 12.81 -16.35 -8.71
N HIS B 218 12.13 -15.67 -7.80
CA HIS B 218 10.65 -15.79 -7.64
C HIS B 218 9.95 -15.08 -8.82
N LEU B 219 10.46 -13.96 -9.33
CA LEU B 219 9.87 -13.25 -10.50
C LEU B 219 10.11 -14.10 -11.75
N VAL B 220 11.24 -14.79 -11.80
CA VAL B 220 11.58 -15.73 -12.92
C VAL B 220 10.48 -16.78 -12.96
N SER B 221 10.25 -17.46 -11.83
CA SER B 221 9.19 -18.48 -11.63
C SER B 221 7.86 -17.96 -12.19
N ALA B 222 7.36 -16.84 -11.68
CA ALA B 222 6.04 -16.29 -12.10
C ALA B 222 6.05 -16.00 -13.60
N THR B 223 7.16 -15.45 -14.12
CA THR B 223 7.23 -14.97 -15.52
C THR B 223 7.14 -16.16 -16.49
N LYS B 224 7.76 -17.29 -16.14
CA LYS B 224 7.67 -18.55 -16.92
C LYS B 224 6.25 -19.12 -16.79
N LYS B 225 5.67 -19.12 -15.58
CA LYS B 225 4.27 -19.58 -15.36
C LYS B 225 3.33 -18.77 -16.25
N LEU B 226 3.75 -17.58 -16.69
CA LEU B 226 2.94 -16.68 -17.54
C LEU B 226 2.99 -17.08 -19.02
N GLY B 227 3.91 -17.96 -19.42
CA GLY B 227 4.10 -18.39 -20.82
C GLY B 227 5.12 -17.55 -21.56
N VAL B 228 6.15 -17.10 -20.83
CA VAL B 228 7.29 -16.27 -21.33
C VAL B 228 8.54 -17.15 -21.33
N LYS B 229 9.24 -17.25 -22.47
CA LYS B 229 10.54 -17.94 -22.59
C LYS B 229 11.63 -16.94 -22.16
N LEU B 230 12.42 -17.30 -21.15
CA LEU B 230 13.60 -16.51 -20.69
C LEU B 230 14.86 -17.19 -21.22
N ILE B 231 15.52 -16.56 -22.22
CA ILE B 231 16.78 -17.06 -22.83
C ILE B 231 17.95 -16.34 -22.15
N LEU B 232 18.76 -17.10 -21.40
CA LEU B 232 19.93 -16.60 -20.66
C LEU B 232 21.22 -16.94 -21.40
N ASN B 233 22.27 -16.14 -21.14
CA ASN B 233 23.65 -16.40 -21.63
C ASN B 233 23.66 -16.45 -23.15
N THR B 234 23.05 -15.46 -23.82
CA THR B 234 22.91 -15.42 -25.30
C THR B 234 23.15 -14.00 -25.83
N ASP B 235 24.15 -13.83 -26.71
CA ASP B 235 24.43 -12.55 -27.43
C ASP B 235 23.67 -12.56 -28.76
N VAL B 236 22.86 -11.54 -29.01
CA VAL B 236 22.11 -11.36 -30.29
C VAL B 236 23.11 -10.77 -31.28
N THR B 237 23.30 -11.45 -32.42
CA THR B 237 24.32 -11.13 -33.47
C THR B 237 23.66 -10.60 -34.75
N ALA B 238 22.35 -10.82 -34.96
CA ALA B 238 21.60 -10.34 -36.14
C ALA B 238 20.09 -10.38 -35.92
N ILE B 239 19.39 -9.52 -36.65
CA ILE B 239 17.90 -9.53 -36.85
C ILE B 239 17.64 -9.41 -38.36
N GLU B 240 16.86 -10.33 -38.95
CA GLU B 240 16.59 -10.43 -40.40
C GLU B 240 15.08 -10.39 -40.61
N LYS B 241 14.62 -9.59 -41.59
CA LYS B 241 13.18 -9.25 -41.79
C LYS B 241 12.62 -9.99 -43.02
N ALA B 242 12.08 -11.20 -42.81
CA ALA B 242 11.42 -12.05 -43.84
C ALA B 242 9.89 -11.92 -43.75
N ASP B 243 9.30 -11.21 -44.72
CA ASP B 243 7.84 -10.88 -44.82
C ASP B 243 7.48 -9.99 -43.62
N LYS B 244 6.37 -10.27 -42.93
CA LYS B 244 5.89 -9.51 -41.75
C LYS B 244 6.34 -10.20 -40.45
N LYS B 245 7.49 -10.90 -40.50
CA LYS B 245 8.14 -11.58 -39.34
C LYS B 245 9.55 -11.00 -39.19
N PHE B 246 10.33 -11.47 -38.21
CA PHE B 246 11.77 -11.14 -38.00
C PHE B 246 12.45 -12.38 -37.41
N ARG B 247 13.64 -12.73 -37.87
CA ARG B 247 14.39 -13.89 -37.31
C ARG B 247 15.63 -13.35 -36.60
N VAL B 248 15.68 -13.54 -35.28
CA VAL B 248 16.79 -13.07 -34.40
C VAL B 248 17.76 -14.24 -34.22
N LYS B 249 19.05 -13.98 -34.45
CA LYS B 249 20.16 -14.96 -34.34
C LYS B 249 20.85 -14.76 -32.98
N GLY B 250 21.12 -15.84 -32.24
CA GLY B 250 21.62 -15.77 -30.85
C GLY B 250 22.61 -16.87 -30.53
N LYS B 251 23.85 -16.48 -30.16
CA LYS B 251 24.98 -17.43 -29.96
C LYS B 251 25.27 -17.53 -28.46
N SER B 252 25.37 -18.76 -27.95
CA SER B 252 25.82 -19.11 -26.57
C SER B 252 27.21 -19.78 -26.63
N ALA B 253 27.68 -20.38 -25.53
CA ALA B 253 28.94 -21.16 -25.47
C ALA B 253 28.88 -22.40 -26.38
N GLU B 254 27.70 -22.72 -26.95
CA GLU B 254 27.44 -23.98 -27.70
C GLU B 254 26.90 -23.70 -29.10
N LYS B 255 25.64 -23.27 -29.20
CA LYS B 255 24.86 -23.25 -30.47
C LYS B 255 24.64 -21.81 -30.92
N THR B 256 23.94 -21.63 -32.05
CA THR B 256 23.49 -20.32 -32.58
C THR B 256 21.98 -20.40 -32.83
N GLU B 257 21.19 -20.62 -31.78
CA GLU B 257 19.70 -20.76 -31.80
C GLU B 257 19.06 -19.54 -32.49
N TYR B 258 17.95 -19.75 -33.19
CA TYR B 258 17.21 -18.71 -33.96
C TYR B 258 15.80 -18.53 -33.35
N PHE B 259 15.23 -17.32 -33.43
CA PHE B 259 13.95 -16.93 -32.77
C PHE B 259 13.14 -16.03 -33.71
N GLU B 260 11.84 -16.33 -33.91
CA GLU B 260 10.95 -15.66 -34.91
C GLU B 260 9.82 -14.91 -34.19
N ALA B 261 9.48 -13.70 -34.66
CA ALA B 261 8.57 -12.76 -33.96
C ALA B 261 8.14 -11.62 -34.89
N GLU B 262 6.88 -11.19 -34.80
CA GLU B 262 6.27 -10.08 -35.58
C GLU B 262 6.89 -8.71 -35.24
N ALA B 263 7.51 -8.59 -34.06
CA ALA B 263 8.21 -7.35 -33.63
C ALA B 263 9.28 -7.66 -32.58
N VAL B 264 10.45 -7.05 -32.75
CA VAL B 264 11.58 -7.19 -31.79
C VAL B 264 11.78 -5.84 -31.13
N PHE B 265 12.09 -5.83 -29.83
CA PHE B 265 12.23 -4.57 -29.06
C PHE B 265 13.63 -4.46 -28.44
N ASN B 266 14.14 -3.22 -28.55
CA ASN B 266 15.39 -2.73 -27.93
C ASN B 266 15.14 -2.41 -26.44
N SER B 267 15.56 -3.33 -25.56
CA SER B 267 15.34 -3.27 -24.10
C SER B 267 16.71 -3.42 -23.37
N ALA B 268 17.78 -2.88 -23.96
CA ALA B 268 19.18 -3.32 -23.72
C ALA B 268 19.90 -2.47 -22.67
N GLY B 269 19.35 -1.31 -22.30
CA GLY B 269 20.06 -0.29 -21.51
C GLY B 269 20.13 1.03 -22.26
N ARG B 270 20.07 2.15 -21.55
CA ARG B 270 19.96 3.51 -22.14
C ARG B 270 21.22 4.30 -21.79
N PRO B 271 22.13 4.57 -22.76
CA PRO B 271 23.24 5.49 -22.50
C PRO B 271 22.71 6.90 -22.31
N PRO B 272 23.43 7.75 -21.53
CA PRO B 272 23.13 9.17 -21.43
C PRO B 272 23.06 9.86 -22.80
N ALA B 273 22.17 10.85 -22.95
CA ALA B 273 21.86 11.54 -24.22
C ALA B 273 22.77 12.77 -24.40
N ILE B 274 24.07 12.57 -24.52
CA ILE B 274 25.07 13.70 -24.57
C ILE B 274 26.09 13.51 -25.69
N PHE B 275 26.20 12.31 -26.28
CA PHE B 275 27.24 11.91 -27.25
C PHE B 275 27.12 12.69 -28.59
N ASP B 276 26.02 13.42 -28.80
CA ASP B 276 25.76 14.18 -30.06
C ASP B 276 25.55 15.67 -29.74
N LEU B 277 26.09 16.18 -28.63
CA LEU B 277 25.98 17.63 -28.25
C LEU B 277 27.30 18.36 -28.49
N GLU B 278 28.33 17.60 -28.87
CA GLU B 278 29.72 18.08 -29.12
C GLU B 278 30.30 18.58 -27.79
N LEU B 279 30.42 17.69 -26.80
CA LEU B 279 30.94 18.01 -25.43
C LEU B 279 32.38 18.52 -25.52
N GLU B 280 33.21 17.87 -26.34
CA GLU B 280 34.65 18.19 -26.49
C GLU B 280 34.78 19.65 -26.94
N LYS B 281 33.80 20.17 -27.68
CA LYS B 281 33.75 21.57 -28.20
C LYS B 281 33.53 22.56 -27.05
N ALA B 282 33.50 22.13 -25.78
CA ALA B 282 33.32 23.00 -24.59
C ALA B 282 34.10 22.49 -23.37
N GLY B 283 35.04 21.57 -23.59
CA GLY B 283 36.05 21.12 -22.61
C GLY B 283 35.43 20.37 -21.46
N ILE B 284 34.14 20.01 -21.61
CA ILE B 284 33.23 19.48 -20.56
C ILE B 284 33.56 18.00 -20.35
N SER B 285 34.04 17.67 -19.14
CA SER B 285 34.35 16.27 -18.72
C SER B 285 33.10 15.41 -18.91
N PHE B 286 33.29 14.21 -19.44
CA PHE B 286 32.22 13.19 -19.58
C PHE B 286 32.89 11.82 -19.41
N THR B 287 32.10 10.79 -19.14
CA THR B 287 32.48 9.36 -19.37
C THR B 287 31.42 8.75 -20.31
N LYS B 288 31.41 7.43 -20.45
CA LYS B 288 30.31 6.71 -21.16
C LYS B 288 29.07 6.71 -20.26
N LYS B 289 29.23 6.94 -18.95
CA LYS B 289 28.15 6.92 -17.92
C LYS B 289 27.48 8.29 -17.82
N GLY B 290 27.99 9.35 -18.46
CA GLY B 290 27.30 10.65 -18.57
C GLY B 290 28.19 11.83 -18.23
N VAL B 291 27.62 13.03 -18.14
CA VAL B 291 28.39 14.28 -17.82
C VAL B 291 29.02 14.11 -16.43
N SER B 292 30.36 14.23 -16.32
CA SER B 292 31.11 14.12 -15.04
C SER B 292 30.80 15.35 -14.19
N VAL B 293 30.28 15.14 -12.98
CA VAL B 293 29.87 16.25 -12.08
C VAL B 293 30.57 16.09 -10.73
N ASN B 294 30.71 17.21 -10.04
CA ASN B 294 31.28 17.35 -8.67
C ASN B 294 30.13 17.23 -7.66
N GLU B 295 30.36 17.68 -6.43
CA GLU B 295 29.39 17.59 -5.32
C GLU B 295 28.30 18.64 -5.52
N HIS B 296 28.54 19.67 -6.36
CA HIS B 296 27.56 20.77 -6.63
C HIS B 296 26.71 20.46 -7.87
N LEU B 297 26.94 19.32 -8.54
CA LEU B 297 26.35 18.93 -9.86
C LEU B 297 26.78 19.95 -10.92
N GLN B 298 27.93 20.56 -10.69
CA GLN B 298 28.63 21.47 -11.64
C GLN B 298 29.69 20.61 -12.32
N ASN B 299 29.95 20.85 -13.61
CA ASN B 299 30.88 20.04 -14.43
C ASN B 299 32.29 20.12 -13.81
N THR B 300 33.07 19.02 -13.80
CA THR B 300 34.41 18.91 -13.12
C THR B 300 35.41 19.81 -13.85
N SER B 301 35.12 20.23 -15.10
CA SER B 301 35.92 21.19 -15.90
C SER B 301 35.18 22.53 -16.02
N ASN B 302 34.32 22.71 -17.03
CA ASN B 302 33.63 23.98 -17.33
C ASN B 302 32.71 24.34 -16.17
N PRO B 303 33.02 25.39 -15.36
CA PRO B 303 32.18 25.79 -14.23
C PRO B 303 31.00 26.72 -14.57
N ILE B 304 30.65 26.86 -15.86
CA ILE B 304 29.40 27.53 -16.33
C ILE B 304 28.30 26.47 -16.51
N VAL B 305 28.67 25.17 -16.50
CA VAL B 305 27.82 24.03 -16.95
C VAL B 305 27.42 23.15 -15.75
N TYR B 306 26.10 23.04 -15.51
CA TYR B 306 25.48 22.08 -14.56
C TYR B 306 24.73 20.98 -15.32
N ALA B 307 24.60 19.81 -14.69
CA ALA B 307 23.89 18.64 -15.24
C ALA B 307 22.96 18.03 -14.18
N ALA B 308 21.88 17.39 -14.64
CA ALA B 308 20.84 16.75 -13.79
C ALA B 308 20.16 15.62 -14.55
N GLY B 309 19.90 14.51 -13.86
CA GLY B 309 19.08 13.41 -14.39
C GLY B 309 19.93 12.29 -14.97
N ASP B 310 19.36 11.59 -15.95
CA ASP B 310 20.02 10.45 -16.62
C ASP B 310 21.27 10.97 -17.35
N ALA B 311 21.26 12.24 -17.78
CA ALA B 311 22.38 12.92 -18.49
C ALA B 311 23.64 13.09 -17.60
N ALA B 312 23.50 13.11 -16.26
CA ALA B 312 24.62 13.34 -15.30
C ALA B 312 25.16 12.01 -14.78
N ASP B 313 26.48 11.86 -14.73
CA ASP B 313 27.19 10.69 -14.12
C ASP B 313 27.24 10.91 -12.61
N SER B 314 26.08 10.99 -11.96
CA SER B 314 25.91 11.28 -10.51
C SER B 314 25.80 9.97 -9.73
N GLU B 315 25.77 10.04 -8.40
CA GLU B 315 25.60 8.84 -7.51
C GLU B 315 24.12 8.48 -7.48
N GLY B 316 23.27 9.25 -8.18
CA GLY B 316 21.83 9.03 -8.25
C GLY B 316 21.50 7.92 -9.22
N LEU B 317 20.62 6.99 -8.81
CA LEU B 317 20.03 5.97 -9.70
C LEU B 317 19.19 6.67 -10.77
N PRO B 318 18.95 6.04 -11.95
CA PRO B 318 18.23 6.69 -13.05
C PRO B 318 16.70 6.66 -12.86
N LEU B 319 16.21 7.51 -11.96
CA LEU B 319 14.82 7.49 -11.49
C LEU B 319 14.27 8.90 -11.66
N THR B 320 12.95 9.00 -11.74
CA THR B 320 12.24 10.28 -11.94
C THR B 320 12.52 11.15 -10.71
N PRO B 321 12.24 10.68 -9.48
CA PRO B 321 12.45 11.49 -8.28
C PRO B 321 13.90 11.98 -8.10
N VAL B 322 14.89 11.13 -8.35
CA VAL B 322 16.34 11.54 -8.45
C VAL B 322 16.50 12.70 -9.45
N ALA B 323 15.85 12.64 -10.60
CA ALA B 323 15.97 13.72 -11.62
C ALA B 323 15.49 15.04 -11.02
N VAL B 324 14.43 15.00 -10.20
CA VAL B 324 13.80 16.17 -9.52
C VAL B 324 14.77 16.64 -8.43
N LEU B 325 15.16 15.74 -7.53
CA LEU B 325 16.10 16.08 -6.44
C LEU B 325 17.32 16.80 -7.04
N GLU B 326 17.98 16.21 -8.06
CA GLU B 326 19.17 16.78 -8.73
C GLU B 326 18.80 18.15 -9.33
N GLY B 327 17.57 18.31 -9.79
CA GLY B 327 17.06 19.58 -10.34
C GLY B 327 17.17 20.69 -9.31
N HIS B 328 16.65 20.46 -8.11
CA HIS B 328 16.48 21.47 -7.04
C HIS B 328 17.84 21.96 -6.56
N THR B 329 18.86 21.10 -6.62
CA THR B 329 20.27 21.42 -6.23
C THR B 329 20.89 22.36 -7.27
N VAL B 330 20.80 21.99 -8.55
CA VAL B 330 21.29 22.81 -9.69
C VAL B 330 20.60 24.18 -9.64
N ALA B 331 19.27 24.19 -9.55
CA ALA B 331 18.44 25.41 -9.42
C ALA B 331 18.94 26.30 -8.28
N SER B 332 19.32 25.75 -7.11
CA SER B 332 19.70 26.54 -5.91
C SER B 332 21.11 27.12 -6.08
N ASN B 333 22.06 26.32 -6.58
CA ASN B 333 23.47 26.75 -6.83
C ASN B 333 23.48 27.85 -7.90
N ILE B 334 22.56 27.78 -8.86
CA ILE B 334 22.45 28.80 -9.93
C ILE B 334 21.85 30.07 -9.31
N ILE B 335 20.79 29.93 -8.50
CA ILE B 335 19.99 31.10 -8.01
C ILE B 335 20.84 31.93 -7.04
N LYS B 336 21.37 31.32 -5.98
CA LYS B 336 22.03 32.06 -4.88
C LYS B 336 23.55 31.91 -4.95
N GLY B 337 24.09 31.12 -5.90
CA GLY B 337 25.52 30.75 -5.94
C GLY B 337 25.74 29.37 -5.32
N ASN B 338 26.94 28.80 -5.45
CA ASN B 338 27.24 27.38 -5.09
C ASN B 338 27.24 27.16 -3.56
N HIS B 339 26.05 27.06 -2.95
CA HIS B 339 25.87 26.91 -1.49
C HIS B 339 25.39 25.50 -1.12
N LYS B 340 24.99 24.65 -2.07
CA LYS B 340 24.35 23.34 -1.74
C LYS B 340 25.12 22.18 -2.40
N LYS B 341 25.46 21.18 -1.60
CA LYS B 341 26.05 19.90 -2.07
C LYS B 341 24.93 18.86 -2.07
N ILE B 342 24.61 18.33 -3.26
CA ILE B 342 23.66 17.20 -3.48
C ILE B 342 23.84 16.15 -2.38
N SER B 343 22.71 15.73 -1.83
CA SER B 343 22.55 14.75 -0.74
C SER B 343 21.42 13.76 -1.10
N TYR B 344 21.72 12.47 -1.20
CA TYR B 344 20.73 11.48 -1.69
C TYR B 344 20.15 10.79 -0.48
N PRO B 345 18.80 10.76 -0.35
CA PRO B 345 18.11 9.89 0.61
C PRO B 345 18.16 8.47 0.06
N PRO B 346 17.51 7.47 0.74
CA PRO B 346 17.28 6.16 0.14
C PRO B 346 16.53 6.29 -1.18
N MET B 347 16.86 5.44 -2.17
CA MET B 347 16.34 5.53 -3.55
C MET B 347 15.68 4.20 -3.89
N PRO B 348 14.43 4.01 -3.42
CA PRO B 348 13.70 2.78 -3.71
C PRO B 348 13.33 2.74 -5.20
N THR B 349 13.50 1.55 -5.77
CA THR B 349 13.24 1.25 -7.19
C THR B 349 12.33 0.05 -7.27
N VAL B 350 11.54 0.02 -8.35
CA VAL B 350 10.49 -1.01 -8.55
C VAL B 350 10.56 -1.53 -9.98
N VAL B 351 10.36 -2.82 -10.11
CA VAL B 351 10.02 -3.51 -11.38
C VAL B 351 8.49 -3.73 -11.37
N PHE B 352 7.77 -3.01 -12.23
CA PHE B 352 6.30 -3.04 -12.33
C PHE B 352 5.85 -4.23 -13.18
N THR B 353 6.33 -5.41 -12.81
CA THR B 353 5.72 -6.70 -13.23
C THR B 353 4.61 -7.08 -12.24
N LEU B 354 3.85 -8.13 -12.52
CA LEU B 354 2.94 -8.75 -11.51
C LEU B 354 3.40 -10.19 -11.24
N PRO B 355 3.79 -10.52 -9.99
CA PRO B 355 3.85 -9.56 -8.88
C PRO B 355 5.01 -8.58 -9.03
N THR B 356 4.89 -7.37 -8.46
CA THR B 356 5.94 -6.32 -8.49
C THR B 356 7.14 -6.76 -7.64
N MET B 357 8.33 -6.28 -8.01
CA MET B 357 9.58 -6.46 -7.25
C MET B 357 10.04 -5.05 -6.84
N ALA B 358 10.57 -4.92 -5.62
CA ALA B 358 10.95 -3.63 -5.02
C ALA B 358 12.23 -3.80 -4.21
N SER B 359 13.06 -2.76 -4.19
CA SER B 359 14.32 -2.77 -3.44
C SER B 359 14.63 -1.34 -2.99
N VAL B 360 15.33 -1.23 -1.87
CA VAL B 360 15.88 0.07 -1.40
C VAL B 360 17.14 -0.20 -0.59
N GLY B 361 18.14 0.66 -0.71
CA GLY B 361 19.43 0.52 -0.01
C GLY B 361 20.21 -0.67 -0.54
N TYR B 362 20.97 -1.33 0.34
CA TYR B 362 22.11 -2.22 -0.01
C TYR B 362 21.63 -3.65 -0.21
N THR B 363 22.20 -4.34 -1.21
CA THR B 363 22.11 -5.80 -1.32
C THR B 363 22.97 -6.42 -0.22
N GLU B 364 22.79 -7.72 0.03
CA GLU B 364 23.63 -8.48 0.99
C GLU B 364 25.10 -8.26 0.64
N SER B 365 25.46 -8.50 -0.63
CA SER B 365 26.87 -8.50 -1.11
C SER B 365 27.42 -7.07 -1.08
N ARG B 366 26.56 -6.07 -1.31
CA ARG B 366 27.00 -4.65 -1.34
C ARG B 366 27.31 -4.19 0.09
N ALA B 367 26.51 -4.59 1.09
CA ALA B 367 26.73 -4.22 2.51
C ALA B 367 28.01 -4.90 3.02
N ARG B 368 28.30 -6.12 2.55
CA ARG B 368 29.57 -6.85 2.82
C ARG B 368 30.73 -6.10 2.14
N GLU B 369 30.56 -5.65 0.90
CA GLU B 369 31.60 -4.92 0.13
C GLU B 369 32.02 -3.64 0.87
N LEU B 370 31.11 -3.01 1.64
CA LEU B 370 31.40 -1.79 2.44
C LEU B 370 31.74 -2.19 3.89
N ASN B 371 31.97 -3.49 4.13
CA ASN B 371 32.39 -4.05 5.43
C ASN B 371 31.48 -3.51 6.52
N TYR B 372 30.18 -3.68 6.35
CA TYR B 372 29.16 -3.57 7.43
C TYR B 372 29.13 -4.93 8.11
N ASN B 373 28.96 -4.97 9.43
CA ASN B 373 28.65 -6.21 10.18
C ASN B 373 27.12 -6.37 10.14
N ILE B 374 26.63 -7.36 9.37
CA ILE B 374 25.22 -7.38 8.87
C ILE B 374 24.52 -8.65 9.37
N GLN B 375 23.23 -8.51 9.72
CA GLN B 375 22.27 -9.62 9.98
C GLN B 375 21.26 -9.67 8.82
N VAL B 376 21.01 -10.85 8.27
CA VAL B 376 20.24 -11.04 7.01
C VAL B 376 18.98 -11.86 7.31
N ASN B 377 17.80 -11.33 7.02
CA ASN B 377 16.52 -12.08 7.17
C ASN B 377 15.93 -12.28 5.78
N TYR B 378 15.90 -13.53 5.33
CA TYR B 378 15.21 -13.98 4.11
C TYR B 378 14.13 -14.97 4.52
N LYS B 379 13.08 -15.07 3.71
CA LYS B 379 12.00 -16.09 3.85
C LYS B 379 11.07 -15.97 2.64
N GLU B 380 10.68 -17.13 2.10
CA GLU B 380 9.57 -17.30 1.13
C GLU B 380 8.30 -17.44 1.96
N VAL B 381 7.26 -16.61 1.74
CA VAL B 381 6.07 -16.55 2.64
C VAL B 381 4.77 -16.52 1.81
N GLY B 382 4.70 -17.31 0.75
CA GLY B 382 3.49 -17.52 -0.06
C GLY B 382 2.35 -18.14 0.74
N ASP B 383 2.61 -18.61 1.97
CA ASP B 383 1.61 -19.20 2.90
C ASP B 383 0.96 -18.11 3.77
N TRP B 384 1.60 -16.93 3.99
CA TRP B 384 1.10 -15.79 4.82
C TRP B 384 -0.27 -15.27 4.30
N PHE B 385 -1.13 -14.78 5.20
CA PHE B 385 -2.55 -14.41 4.89
C PHE B 385 -2.60 -13.52 3.64
N ASN B 386 -1.74 -12.50 3.57
CA ASN B 386 -1.82 -11.45 2.51
C ASN B 386 -1.56 -12.05 1.11
N ALA B 387 -0.64 -12.99 0.98
CA ALA B 387 -0.36 -13.67 -0.31
C ALA B 387 -1.49 -14.65 -0.59
N LYS B 388 -2.01 -15.25 0.47
CA LYS B 388 -2.95 -16.41 0.39
C LYS B 388 -4.35 -15.93 0.02
N ARG B 389 -4.77 -14.77 0.56
CA ARG B 389 -6.16 -14.27 0.38
C ARG B 389 -6.31 -13.69 -1.03
N LEU B 390 -5.19 -13.30 -1.65
CA LEU B 390 -5.10 -12.71 -3.01
C LEU B 390 -4.74 -13.80 -4.03
N ASN B 391 -4.50 -15.03 -3.54
CA ASN B 391 -3.97 -16.15 -4.34
C ASN B 391 -2.79 -15.66 -5.19
N VAL B 392 -1.82 -15.00 -4.56
CA VAL B 392 -0.51 -14.68 -5.17
C VAL B 392 0.49 -15.72 -4.64
N ALA B 393 1.09 -16.52 -5.50
CA ALA B 393 2.02 -17.62 -5.11
C ALA B 393 3.37 -17.03 -4.67
N GLU B 394 3.78 -15.93 -5.29
CA GLU B 394 5.13 -15.36 -5.06
C GLU B 394 5.04 -14.25 -4.00
N TYR B 395 5.55 -14.52 -2.81
CA TYR B 395 5.69 -13.51 -1.74
C TYR B 395 6.93 -13.87 -0.97
N ALA B 396 7.98 -13.05 -1.06
CA ALA B 396 9.25 -13.24 -0.34
C ALA B 396 9.87 -11.88 -0.05
N PHE B 397 10.70 -11.82 0.98
CA PHE B 397 11.41 -10.58 1.37
C PHE B 397 12.85 -10.89 1.78
N LYS B 398 13.71 -9.89 1.71
CA LYS B 398 15.08 -10.02 2.27
C LYS B 398 15.49 -8.67 2.84
N THR B 399 15.66 -8.65 4.16
CA THR B 399 16.10 -7.43 4.90
C THR B 399 17.56 -7.60 5.32
N ILE B 400 18.27 -6.49 5.27
CA ILE B 400 19.72 -6.37 5.61
C ILE B 400 19.80 -5.37 6.76
N ILE B 401 20.15 -5.88 7.95
CA ILE B 401 20.23 -5.07 9.19
C ILE B 401 21.71 -4.93 9.60
N ASP B 402 22.19 -3.69 9.74
CA ASP B 402 23.46 -3.40 10.45
C ASP B 402 23.34 -3.84 11.93
N GLU B 403 24.18 -4.80 12.37
CA GLU B 403 24.17 -5.37 13.75
C GLU B 403 24.50 -4.29 14.79
N GLU B 404 25.37 -3.34 14.49
CA GLU B 404 25.88 -2.38 15.48
C GLU B 404 24.77 -1.40 15.88
N THR B 405 24.15 -0.70 14.91
CA THR B 405 23.10 0.33 15.12
C THR B 405 21.68 -0.29 15.21
N GLN B 406 21.50 -1.54 14.75
CA GLN B 406 20.18 -2.24 14.69
C GLN B 406 19.21 -1.43 13.81
N THR B 407 19.71 -0.74 12.79
CA THR B 407 18.91 -0.03 11.75
C THR B 407 18.98 -0.81 10.45
N ILE B 408 18.12 -0.46 9.48
CA ILE B 408 17.96 -1.21 8.21
C ILE B 408 18.96 -0.64 7.23
N LEU B 409 19.82 -1.50 6.66
CA LEU B 409 20.75 -1.13 5.56
C LEU B 409 20.03 -1.28 4.22
N GLY B 410 19.15 -2.27 4.10
CA GLY B 410 18.49 -2.62 2.83
C GLY B 410 17.30 -3.56 3.02
N ALA B 411 16.32 -3.47 2.15
CA ALA B 411 15.18 -4.40 2.10
C ALA B 411 14.83 -4.64 0.62
N HIS B 412 14.35 -5.83 0.32
CA HIS B 412 14.14 -6.31 -1.07
C HIS B 412 12.93 -7.22 -1.00
N LEU B 413 11.97 -7.01 -1.90
CA LEU B 413 10.59 -7.51 -1.78
C LEU B 413 10.07 -7.97 -3.15
N ILE B 414 9.25 -9.01 -3.15
CA ILE B 414 8.35 -9.33 -4.29
C ILE B 414 7.01 -9.77 -3.72
N GLY B 415 5.94 -9.54 -4.47
CA GLY B 415 4.57 -9.89 -4.03
C GLY B 415 3.59 -8.72 -4.15
N PRO B 416 2.42 -8.82 -3.49
CA PRO B 416 1.41 -7.77 -3.56
C PRO B 416 1.87 -6.50 -2.82
N HIS B 417 1.69 -5.38 -3.50
CA HIS B 417 1.87 -3.97 -3.05
C HIS B 417 3.32 -3.61 -2.78
N THR B 418 4.31 -4.30 -3.32
CA THR B 418 5.72 -4.01 -2.93
C THR B 418 6.08 -2.59 -3.38
N GLU B 419 5.50 -2.12 -4.48
CA GLU B 419 5.73 -0.75 -5.00
C GLU B 419 5.34 0.26 -3.91
N GLU B 420 4.30 -0.02 -3.12
CA GLU B 420 3.89 0.89 -1.99
C GLU B 420 4.74 0.58 -0.73
N THR B 421 4.77 -0.68 -0.28
CA THR B 421 5.45 -1.09 0.98
C THR B 421 6.94 -0.70 0.99
N ILE B 422 7.63 -0.71 -0.14
CA ILE B 422 9.10 -0.49 -0.12
C ILE B 422 9.39 0.89 0.46
N ASN B 423 8.47 1.84 0.29
CA ASN B 423 8.69 3.22 0.79
C ASN B 423 8.73 3.24 2.32
N LEU B 424 8.06 2.32 3.00
CA LEU B 424 8.14 2.25 4.48
C LEU B 424 9.56 1.89 4.89
N PHE B 425 10.17 0.95 4.17
CA PHE B 425 11.61 0.60 4.33
C PHE B 425 12.47 1.84 4.02
N ALA B 426 12.11 2.65 3.04
CA ALA B 426 12.85 3.90 2.73
C ALA B 426 12.77 4.86 3.92
N MET B 427 11.57 5.10 4.45
CA MET B 427 11.39 6.03 5.60
C MET B 427 12.20 5.47 6.78
N ALA B 428 12.14 4.15 7.01
CA ALA B 428 12.82 3.49 8.15
C ALA B 428 14.32 3.75 8.06
N ILE B 429 14.89 3.67 6.86
CA ILE B 429 16.35 3.92 6.63
C ILE B 429 16.66 5.41 6.86
N LYS B 430 15.95 6.33 6.22
CA LYS B 430 16.23 7.79 6.33
C LYS B 430 16.17 8.22 7.81
N THR B 431 15.27 7.64 8.58
CA THR B 431 14.98 8.06 9.97
C THR B 431 15.86 7.29 10.96
N LYS B 432 16.79 6.48 10.47
CA LYS B 432 17.70 5.64 11.31
C LYS B 432 16.86 5.01 12.42
N MET B 433 15.72 4.46 12.03
CA MET B 433 14.69 3.87 12.92
C MET B 433 15.22 2.53 13.41
N LYS B 434 15.24 2.31 14.73
CA LYS B 434 15.76 1.04 15.32
C LYS B 434 14.78 -0.08 14.96
N VAL B 435 15.30 -1.26 14.61
CA VAL B 435 14.48 -2.47 14.27
C VAL B 435 13.32 -2.65 15.26
N ASN B 436 13.57 -2.55 16.57
CA ASN B 436 12.57 -2.84 17.64
C ASN B 436 11.45 -1.80 17.62
N ASP B 437 11.70 -0.57 17.16
CA ASP B 437 10.65 0.46 17.03
C ASP B 437 9.77 0.18 15.81
N ILE B 438 10.26 -0.57 14.84
CA ILE B 438 9.41 -0.94 13.67
C ILE B 438 8.52 -2.10 14.14
N ARG B 439 9.02 -2.93 15.07
CA ARG B 439 8.32 -4.13 15.60
C ARG B 439 7.16 -3.70 16.50
N THR B 440 7.31 -2.56 17.19
CA THR B 440 6.39 -2.07 18.24
C THR B 440 5.41 -1.08 17.62
N MET B 441 5.64 -0.71 16.37
CA MET B 441 4.73 0.21 15.62
C MET B 441 3.38 -0.48 15.52
N ILE B 442 2.31 0.30 15.53
CA ILE B 442 0.96 -0.16 15.09
C ILE B 442 0.74 0.28 13.64
N PHE B 443 0.39 -0.69 12.79
CA PHE B 443 0.02 -0.55 11.35
C PHE B 443 -1.47 -0.81 11.20
N SER B 444 -2.08 -0.20 10.19
CA SER B 444 -3.44 -0.55 9.72
C SER B 444 -3.45 -2.05 9.43
N TYR B 445 -4.47 -2.76 9.90
CA TYR B 445 -4.65 -4.21 9.64
C TYR B 445 -6.08 -4.46 9.19
N PRO B 446 -6.36 -5.37 8.22
CA PRO B 446 -5.35 -6.11 7.48
C PRO B 446 -4.84 -5.36 6.24
N THR B 447 -3.50 -5.23 6.16
CA THR B 447 -2.75 -4.54 5.07
C THR B 447 -1.42 -5.27 4.84
N LEU B 448 -0.81 -5.06 3.67
CA LEU B 448 0.56 -5.58 3.37
C LEU B 448 1.61 -4.96 4.27
N ALA B 449 1.44 -3.67 4.62
CA ALA B 449 2.34 -2.90 5.51
C ALA B 449 2.49 -3.63 6.83
N SER B 450 1.43 -4.22 7.34
CA SER B 450 1.43 -4.84 8.68
C SER B 450 2.33 -6.09 8.69
N ASP B 451 2.74 -6.64 7.53
CA ASP B 451 3.76 -7.72 7.47
C ASP B 451 5.19 -7.22 7.75
N ILE B 452 5.46 -5.93 7.65
CA ILE B 452 6.84 -5.39 7.85
C ILE B 452 7.48 -5.87 9.18
N PRO B 453 6.83 -5.75 10.36
CA PRO B 453 7.46 -6.17 11.60
C PRO B 453 7.81 -7.68 11.67
N HIS B 454 7.14 -8.51 10.89
CA HIS B 454 7.41 -9.97 10.76
C HIS B 454 8.64 -10.24 9.90
N MET B 455 9.25 -9.21 9.28
CA MET B 455 10.25 -9.37 8.19
C MET B 455 11.62 -8.98 8.73
N LEU B 456 11.72 -8.86 10.04
CA LEU B 456 12.69 -7.93 10.70
C LEU B 456 13.33 -8.64 11.89
#